data_4QT5
#
_entry.id   4QT5
#
_cell.length_a   43.979
_cell.length_b   136.979
_cell.length_c   149.071
_cell.angle_alpha   90.00
_cell.angle_beta   90.00
_cell.angle_gamma   90.00
#
_symmetry.space_group_name_H-M   'P 21 21 21'
#
loop_
_entity.id
_entity.type
_entity.pdbx_description
1 polymer '3BD10 mouse monoclonal antibody, light chain'
2 polymer '3BD10 mouse monoclonal antibody, heavy chain'
3 water water
#
loop_
_entity_poly.entity_id
_entity_poly.type
_entity_poly.pdbx_seq_one_letter_code
_entity_poly.pdbx_strand_id
1 'polypeptide(L)'
;ELEMTQSPLTLSVTTGQPASISCKSSQSLLDSDGKTYLNWLLQRPGQSPKRLIYLVSKVDSGVPDRFTGSGSGTDFTLKI
SRVEAEDLGVYYCWQGTHSPLTFGAGTKLELKRADAAPTVSIFPPSSEQLTSGGASVVCFLNNFYPKDINVKWKIDGSER
QNGVLNSWTDQDSKDSTYSMSSTLTLTKDEYERHNSYTCEATHKTSTSPIVKSFNR
;
L,A
2 'polypeptide(L)'
;QVQLLESGAELVKPGAPVRLSCKASGYTFTNYWMNWVKQRPGRGLEWIGRIDPSDSETHYNQNFKDKATLTVDKSSSTAY
IQLSSLTSEDSAVYYCARSGYWGQGTTLTVSSAKTTPPSVYPLAPGSAAQTNSMVTLGCLVKGYFPEPVTVTWNSGSLSS
GVHTFPAVLQSDLYTLSSSVTVPSSTWPSETVTCNVAHPASSTKVDKKIVPRD
;
H,B
#
# COMPACT_ATOMS: atom_id res chain seq x y z
N GLU A 1 -15.60 -29.69 18.90
CA GLU A 1 -14.70 -28.51 18.98
C GLU A 1 -15.25 -27.35 18.20
N LEU A 2 -14.93 -26.16 18.64
CA LEU A 2 -15.64 -25.00 18.15
C LEU A 2 -15.06 -24.41 16.86
N GLU A 3 -15.94 -24.05 15.97
CA GLU A 3 -15.57 -23.82 14.62
C GLU A 3 -15.63 -22.36 14.20
N MET A 4 -14.47 -21.81 13.78
CA MET A 4 -14.34 -20.40 13.36
C MET A 4 -14.24 -20.21 11.84
N THR A 5 -15.05 -19.30 11.32
CA THR A 5 -15.15 -19.05 9.86
C THR A 5 -14.89 -17.58 9.53
N GLN A 6 -13.85 -17.30 8.76
CA GLN A 6 -13.60 -15.93 8.33
C GLN A 6 -14.05 -15.70 6.90
N SER A 7 -14.60 -14.53 6.63
CA SER A 7 -14.89 -14.18 5.26
C SER A 7 -14.68 -12.66 5.06
N PRO A 8 -14.02 -12.27 3.97
CA PRO A 8 -13.61 -13.12 2.88
C PRO A 8 -12.28 -13.76 3.16
N LEU A 9 -11.87 -14.59 2.20
CA LEU A 9 -10.56 -15.23 2.22
C LEU A 9 -9.48 -14.27 1.90
N THR A 10 -9.76 -13.46 0.87
CA THR A 10 -8.85 -12.40 0.44
C THR A 10 -9.64 -11.12 0.32
N LEU A 11 -9.15 -10.08 0.98
CA LEU A 11 -9.74 -8.77 0.93
C LEU A 11 -8.82 -7.79 0.21
N SER A 12 -9.33 -7.20 -0.87
CA SER A 12 -8.56 -6.24 -1.70
C SER A 12 -9.23 -4.87 -1.76
N VAL A 13 -8.40 -3.85 -1.52
CA VAL A 13 -8.87 -2.54 -1.11
C VAL A 13 -8.01 -1.43 -1.72
N THR A 14 -8.64 -0.32 -2.08
CA THR A 14 -7.94 0.89 -2.50
C THR A 14 -7.39 1.60 -1.26
N THR A 15 -6.16 2.10 -1.33
CA THR A 15 -5.60 2.84 -0.20
C THR A 15 -6.54 3.96 0.23
N GLY A 16 -6.60 4.21 1.53
CA GLY A 16 -7.50 5.24 2.06
C GLY A 16 -8.93 4.75 2.25
N GLN A 17 -9.37 3.80 1.42
CA GLN A 17 -10.69 3.13 1.51
C GLN A 17 -10.66 2.20 2.74
N PRO A 18 -11.80 2.09 3.44
CA PRO A 18 -11.90 1.26 4.65
C PRO A 18 -12.05 -0.23 4.40
N ALA A 19 -11.62 -1.04 5.37
CA ALA A 19 -11.66 -2.49 5.24
C ALA A 19 -12.42 -3.13 6.38
N SER A 20 -13.16 -4.21 6.07
CA SER A 20 -13.89 -5.09 7.05
C SER A 20 -13.73 -6.61 6.87
N ILE A 21 -13.31 -7.30 7.92
CA ILE A 21 -13.26 -8.77 7.91
C ILE A 21 -14.26 -9.35 8.89
N SER A 22 -14.99 -10.36 8.44
CA SER A 22 -16.05 -10.95 9.24
C SER A 22 -15.60 -12.30 9.79
N CYS A 23 -15.87 -12.52 11.08
CA CYS A 23 -15.58 -13.77 11.77
C CYS A 23 -16.85 -14.35 12.40
N LYS A 24 -17.13 -15.59 12.07
CA LYS A 24 -18.28 -16.33 12.58
C LYS A 24 -17.91 -17.61 13.37
N SER A 25 -18.59 -17.84 14.49
CA SER A 25 -18.34 -19.03 15.32
C SER A 25 -19.52 -19.98 15.27
N SER A 26 -19.24 -21.28 15.34
CA SER A 26 -20.29 -22.31 15.31
C SER A 26 -21.18 -22.27 16.53
N GLN A 27 -20.81 -21.47 17.51
CA GLN A 27 -21.46 -21.49 18.81
C GLN A 27 -21.15 -20.17 19.46
N SER A 28 -22.06 -19.67 20.28
CA SER A 28 -21.82 -18.42 21.00
C SER A 28 -20.49 -18.40 21.76
N LEU A 29 -19.83 -17.24 21.78
CA LEU A 29 -18.55 -17.07 22.51
C LEU A 29 -18.69 -16.28 23.82
N LEU A 30 -19.92 -15.95 24.17
CA LEU A 30 -20.18 -15.37 25.47
C LEU A 30 -19.87 -16.44 26.51
N ASP A 31 -18.85 -16.20 27.33
CA ASP A 31 -18.50 -17.12 28.44
C ASP A 31 -19.51 -16.96 29.58
N SER A 32 -19.59 -17.97 30.44
CA SER A 32 -20.38 -17.94 31.67
C SER A 32 -20.01 -16.78 32.59
N ASP A 33 -18.79 -16.27 32.46
CA ASP A 33 -18.30 -15.13 33.24
C ASP A 33 -18.70 -13.75 32.71
N GLY A 34 -19.52 -13.69 31.66
CA GLY A 34 -20.01 -12.41 31.11
C GLY A 34 -19.09 -11.81 30.07
N LYS A 35 -17.91 -12.40 29.91
CA LYS A 35 -16.94 -11.90 28.95
C LYS A 35 -16.97 -12.73 27.66
N THR A 36 -16.61 -12.12 26.55
CA THR A 36 -16.59 -12.78 25.25
C THR A 36 -15.14 -12.87 24.75
N TYR A 37 -14.61 -14.09 24.69
CA TYR A 37 -13.18 -14.26 24.47
C TYR A 37 -12.88 -14.51 23.01
N LEU A 38 -13.02 -13.43 22.24
CA LEU A 38 -12.75 -13.43 20.81
C LEU A 38 -11.59 -12.52 20.56
N ASN A 39 -10.60 -13.03 19.84
CA ASN A 39 -9.38 -12.32 19.57
C ASN A 39 -9.07 -12.18 18.09
N TRP A 40 -8.32 -11.13 17.76
CA TRP A 40 -7.75 -10.94 16.44
C TRP A 40 -6.24 -10.93 16.47
N LEU A 41 -5.66 -11.32 15.34
CA LEU A 41 -4.25 -11.61 15.26
C LEU A 41 -3.75 -11.26 13.87
N LEU A 42 -2.48 -10.89 13.75
CA LEU A 42 -1.87 -10.57 12.44
C LEU A 42 -0.56 -11.28 12.24
N GLN A 43 -0.40 -11.91 11.08
CA GLN A 43 0.87 -12.52 10.75
C GLN A 43 1.32 -12.01 9.43
N ARG A 44 2.40 -11.23 9.49
CA ARG A 44 3.08 -10.77 8.29
C ARG A 44 4.03 -11.83 7.78
N PRO A 45 4.19 -11.89 6.47
CA PRO A 45 5.00 -12.95 5.89
C PRO A 45 6.34 -13.15 6.60
N GLY A 46 6.66 -14.40 6.90
CA GLY A 46 7.91 -14.68 7.61
C GLY A 46 7.98 -14.22 9.06
N GLN A 47 6.96 -13.52 9.54
CA GLN A 47 6.94 -13.00 10.91
C GLN A 47 6.17 -13.89 11.87
N SER A 48 6.46 -13.69 13.14
CA SER A 48 5.69 -14.30 14.19
C SER A 48 4.41 -13.47 14.33
N PRO A 49 3.35 -14.12 14.81
CA PRO A 49 2.05 -13.48 14.97
C PRO A 49 2.09 -12.35 15.98
N LYS A 50 1.21 -11.39 15.76
CA LYS A 50 1.10 -10.24 16.64
C LYS A 50 -0.33 -10.04 17.06
N ARG A 51 -0.55 -9.88 18.36
CA ARG A 51 -1.88 -9.59 18.85
C ARG A 51 -2.31 -8.22 18.34
N LEU A 52 -3.54 -8.17 17.83
CA LEU A 52 -4.20 -6.93 17.47
C LEU A 52 -5.27 -6.55 18.48
N ILE A 53 -6.17 -7.49 18.72
CA ILE A 53 -7.36 -7.23 19.50
C ILE A 53 -7.69 -8.40 20.42
N TYR A 54 -8.21 -8.05 21.60
CA TYR A 54 -8.68 -9.01 22.56
C TYR A 54 -9.98 -8.53 23.16
N LEU A 55 -10.73 -9.48 23.70
CA LEU A 55 -12.05 -9.24 24.22
C LEU A 55 -12.92 -8.49 23.24
N VAL A 56 -12.94 -8.98 22.00
CA VAL A 56 -13.82 -8.45 20.95
C VAL A 56 -13.36 -7.10 20.40
N SER A 57 -13.03 -6.17 21.32
CA SER A 57 -12.92 -4.73 21.00
C SER A 57 -11.72 -3.99 21.60
N LYS A 58 -11.02 -4.61 22.53
CA LYS A 58 -9.90 -3.96 23.20
C LYS A 58 -8.64 -4.06 22.37
N VAL A 59 -8.15 -2.92 21.91
CA VAL A 59 -7.03 -2.90 20.96
C VAL A 59 -5.66 -2.90 21.63
N ASP A 60 -4.78 -3.80 21.19
CA ASP A 60 -3.45 -3.91 21.77
C ASP A 60 -2.81 -2.54 21.67
N SER A 61 -2.06 -2.17 22.70
CA SER A 61 -1.27 -0.95 22.66
C SER A 61 -0.01 -1.29 21.89
N GLY A 62 0.35 -0.46 20.93
CA GLY A 62 1.37 -0.84 19.96
C GLY A 62 0.74 -1.05 18.58
N VAL A 63 -0.58 -1.08 18.54
CA VAL A 63 -1.32 -1.27 17.31
C VAL A 63 -1.98 0.06 16.99
N PRO A 64 -1.78 0.59 15.77
CA PRO A 64 -2.30 1.89 15.35
C PRO A 64 -3.80 2.07 15.55
N ASP A 65 -4.22 3.33 15.68
CA ASP A 65 -5.58 3.64 16.09
C ASP A 65 -6.63 3.43 15.03
N ARG A 66 -6.22 3.05 13.84
CA ARG A 66 -7.21 2.78 12.80
C ARG A 66 -7.89 1.39 12.89
N PHE A 67 -7.35 0.51 13.71
CA PHE A 67 -7.98 -0.81 13.92
C PHE A 67 -9.10 -0.74 14.94
N THR A 68 -10.26 -1.31 14.59
CA THR A 68 -11.31 -1.53 15.59
C THR A 68 -11.93 -2.89 15.46
N GLY A 69 -12.50 -3.36 16.56
CA GLY A 69 -13.15 -4.65 16.59
C GLY A 69 -14.51 -4.54 17.24
N SER A 70 -15.49 -5.26 16.71
CA SER A 70 -16.80 -5.27 17.33
C SER A 70 -17.50 -6.61 17.13
N GLY A 71 -18.71 -6.71 17.68
CA GLY A 71 -19.60 -7.88 17.49
C GLY A 71 -20.08 -8.52 18.77
N SER A 72 -20.85 -9.59 18.63
CA SER A 72 -21.35 -10.35 19.82
C SER A 72 -21.87 -11.72 19.41
N GLY A 73 -21.98 -12.59 20.42
CA GLY A 73 -22.46 -13.97 20.24
C GLY A 73 -21.60 -14.79 19.29
N THR A 74 -22.06 -14.90 18.04
CA THR A 74 -21.35 -15.66 17.00
C THR A 74 -20.84 -14.78 15.85
N ASP A 75 -21.15 -13.49 15.85
CA ASP A 75 -20.78 -12.62 14.75
C ASP A 75 -19.88 -11.46 15.17
N PHE A 76 -18.74 -11.37 14.49
CA PHE A 76 -17.68 -10.42 14.83
C PHE A 76 -17.01 -9.85 13.58
N THR A 77 -16.61 -8.58 13.66
CA THR A 77 -15.92 -7.95 12.56
C THR A 77 -14.74 -7.12 13.03
N LEU A 78 -13.72 -7.11 12.19
CA LEU A 78 -12.54 -6.29 12.38
C LEU A 78 -12.64 -5.23 11.32
N LYS A 79 -12.47 -3.97 11.72
CA LYS A 79 -12.46 -2.85 10.78
C LYS A 79 -11.15 -2.12 10.80
N ILE A 80 -10.74 -1.66 9.64
CA ILE A 80 -9.60 -0.76 9.50
C ILE A 80 -10.08 0.50 8.81
N SER A 81 -9.96 1.62 9.50
CA SER A 81 -10.38 2.92 8.97
C SER A 81 -9.94 3.14 7.54
N ARG A 82 -8.63 3.05 7.34
CA ARG A 82 -8.01 3.22 6.03
C ARG A 82 -6.78 2.36 6.05
N VAL A 83 -6.60 1.57 5.02
CA VAL A 83 -5.51 0.59 4.98
C VAL A 83 -4.19 1.16 4.44
N GLU A 84 -3.10 0.73 5.07
CA GLU A 84 -1.73 1.09 4.66
C GLU A 84 -0.93 -0.14 4.30
N ALA A 85 0.18 0.02 3.60
CA ALA A 85 1.08 -1.07 3.25
C ALA A 85 1.56 -1.92 4.44
N GLU A 86 1.70 -1.29 5.61
CA GLU A 86 2.20 -1.99 6.79
C GLU A 86 1.14 -2.94 7.38
N ASP A 87 -0.12 -2.81 6.97
CA ASP A 87 -1.25 -3.68 7.41
C ASP A 87 -1.32 -5.00 6.64
N LEU A 88 -0.62 -5.07 5.53
CA LEU A 88 -0.67 -6.24 4.67
C LEU A 88 -0.10 -7.38 5.45
N GLY A 89 -0.74 -8.51 5.28
CA GLY A 89 -0.50 -9.72 6.06
C GLY A 89 -1.76 -10.61 6.07
N VAL A 90 -1.76 -11.59 6.96
CA VAL A 90 -2.89 -12.49 7.13
C VAL A 90 -3.52 -12.27 8.50
N TYR A 91 -4.84 -12.17 8.49
CA TYR A 91 -5.60 -11.82 9.68
C TYR A 91 -6.39 -13.02 10.19
N TYR A 92 -6.03 -13.49 11.37
CA TYR A 92 -6.75 -14.56 12.03
C TYR A 92 -7.63 -14.06 13.17
N CYS A 93 -8.83 -14.60 13.26
CA CYS A 93 -9.62 -14.52 14.47
C CYS A 93 -9.43 -15.84 15.20
N TRP A 94 -9.37 -15.78 16.54
CA TRP A 94 -9.36 -16.98 17.37
C TRP A 94 -10.15 -16.80 18.68
N GLN A 95 -10.59 -17.93 19.24
CA GLN A 95 -11.51 -17.95 20.38
C GLN A 95 -10.90 -18.68 21.56
N GLY A 96 -11.04 -18.06 22.74
CA GLY A 96 -10.60 -18.63 24.00
C GLY A 96 -11.73 -18.94 24.99
N THR A 97 -12.97 -18.84 24.56
CA THR A 97 -14.14 -19.14 25.40
C THR A 97 -14.34 -20.61 25.72
N HIS A 98 -14.16 -21.46 24.71
CA HIS A 98 -14.35 -22.91 24.82
C HIS A 98 -13.06 -23.66 24.47
N SER A 99 -12.66 -24.59 25.33
CA SER A 99 -11.50 -25.47 25.05
C SER A 99 -11.92 -26.53 24.05
N PRO A 100 -11.03 -26.89 23.11
CA PRO A 100 -9.73 -26.33 22.84
C PRO A 100 -9.86 -25.01 22.13
N LEU A 101 -8.84 -24.18 22.22
CA LEU A 101 -8.83 -22.93 21.43
C LEU A 101 -8.77 -23.28 19.97
N THR A 102 -9.52 -22.54 19.18
CA THR A 102 -9.56 -22.74 17.75
C THR A 102 -9.37 -21.39 17.03
N PHE A 103 -8.87 -21.49 15.80
CA PHE A 103 -8.54 -20.33 14.97
C PHE A 103 -9.31 -20.40 13.68
N GLY A 104 -9.61 -19.25 13.13
CA GLY A 104 -10.04 -19.16 11.77
C GLY A 104 -8.89 -19.53 10.85
N ALA A 105 -9.23 -19.68 9.58
CA ALA A 105 -8.27 -20.12 8.57
C ALA A 105 -7.34 -18.99 8.10
N GLY A 106 -7.77 -17.75 8.26
CA GLY A 106 -6.98 -16.60 7.85
C GLY A 106 -7.67 -15.82 6.74
N THR A 107 -7.55 -14.50 6.83
CA THR A 107 -7.91 -13.62 5.73
C THR A 107 -6.66 -12.87 5.29
N LYS A 108 -6.30 -13.01 4.01
CA LYS A 108 -5.16 -12.28 3.40
C LYS A 108 -5.65 -10.90 2.97
N LEU A 109 -4.95 -9.89 3.41
CA LEU A 109 -5.33 -8.50 3.07
C LEU A 109 -4.46 -7.97 1.97
N GLU A 110 -5.07 -7.29 1.01
CA GLU A 110 -4.38 -6.77 -0.18
C GLU A 110 -4.73 -5.30 -0.49
N LEU A 111 -3.75 -4.64 -1.08
CA LEU A 111 -3.85 -3.23 -1.40
C LEU A 111 -3.73 -3.04 -2.92
N LYS A 112 -4.64 -2.24 -3.47
CA LYS A 112 -4.55 -1.79 -4.84
C LYS A 112 -3.65 -0.56 -4.88
N ARG A 113 -3.05 -0.37 -6.03
CA ARG A 113 -2.15 0.75 -6.27
C ARG A 113 -1.96 0.88 -7.77
N ALA A 114 -1.29 1.97 -8.16
CA ALA A 114 -0.96 2.19 -9.58
C ALA A 114 0.00 1.13 -10.14
N ASP A 115 -0.17 0.84 -11.42
CA ASP A 115 0.63 -0.14 -12.13
C ASP A 115 2.08 0.29 -12.03
N ALA A 116 2.96 -0.70 -11.92
CA ALA A 116 4.41 -0.47 -11.94
C ALA A 116 5.10 -1.60 -12.70
N ALA A 117 6.09 -1.25 -13.51
CA ALA A 117 6.83 -2.22 -14.28
C ALA A 117 7.98 -2.78 -13.47
N PRO A 118 8.29 -4.06 -13.72
CA PRO A 118 9.41 -4.68 -13.07
C PRO A 118 10.77 -4.13 -13.47
N THR A 119 11.60 -3.99 -12.45
CA THR A 119 13.02 -3.76 -12.60
C THR A 119 13.67 -5.14 -12.71
N VAL A 120 14.23 -5.43 -13.87
CA VAL A 120 14.76 -6.75 -14.18
C VAL A 120 16.27 -6.70 -14.13
N SER A 121 16.85 -7.76 -13.56
CA SER A 121 18.29 -7.89 -13.35
C SER A 121 18.65 -9.31 -13.58
N ILE A 122 19.77 -9.51 -14.26
CA ILE A 122 20.24 -10.86 -14.56
C ILE A 122 21.67 -11.05 -14.09
N PHE A 123 21.95 -12.25 -13.63
CA PHE A 123 23.23 -12.53 -12.99
C PHE A 123 23.72 -13.86 -13.47
N PRO A 124 24.94 -13.89 -13.97
CA PRO A 124 25.50 -15.14 -14.38
C PRO A 124 25.99 -15.93 -13.19
N PRO A 125 26.37 -17.19 -13.42
CA PRO A 125 26.97 -18.02 -12.42
C PRO A 125 28.09 -17.34 -11.69
N SER A 126 28.17 -17.68 -10.42
CA SER A 126 29.27 -17.33 -9.57
C SER A 126 30.53 -18.08 -10.01
N SER A 127 31.68 -17.41 -9.92
CA SER A 127 32.96 -18.10 -10.13
C SER A 127 33.12 -19.25 -9.15
N GLU A 128 32.83 -18.99 -7.87
CA GLU A 128 32.96 -20.01 -6.82
C GLU A 128 32.20 -21.27 -7.17
N GLN A 129 30.99 -21.07 -7.70
CA GLN A 129 30.04 -22.16 -7.96
C GLN A 129 30.47 -22.99 -9.13
N LEU A 130 31.03 -22.31 -10.12
CA LEU A 130 31.53 -22.98 -11.33
C LEU A 130 32.62 -24.01 -10.99
N THR A 131 33.57 -23.60 -10.15
CA THR A 131 34.59 -24.49 -9.64
C THR A 131 34.02 -25.84 -9.18
N SER A 132 32.93 -25.78 -8.43
CA SER A 132 32.32 -26.97 -7.86
C SER A 132 31.34 -27.71 -8.80
N GLY A 133 31.31 -27.34 -10.08
CA GLY A 133 30.64 -28.14 -11.11
C GLY A 133 29.16 -27.86 -11.41
N GLY A 134 28.62 -26.82 -10.79
CA GLY A 134 27.24 -26.37 -11.05
C GLY A 134 27.21 -24.98 -11.63
N ALA A 135 26.06 -24.61 -12.21
CA ALA A 135 25.88 -23.27 -12.80
C ALA A 135 24.43 -22.78 -12.71
N SER A 136 24.25 -21.67 -12.01
CA SER A 136 22.92 -21.07 -11.83
C SER A 136 22.90 -19.63 -12.30
N VAL A 137 21.98 -19.40 -13.24
CA VAL A 137 21.78 -18.08 -13.78
C VAL A 137 20.54 -17.54 -13.12
N VAL A 138 20.62 -16.31 -12.62
CA VAL A 138 19.57 -15.78 -11.77
C VAL A 138 18.96 -14.56 -12.36
N CYS A 139 17.65 -14.42 -12.13
CA CYS A 139 16.88 -13.29 -12.59
C CYS A 139 15.90 -12.76 -11.56
N PHE A 140 16.03 -11.49 -11.24
CA PHE A 140 15.14 -10.82 -10.31
C PHE A 140 14.21 -9.88 -11.05
N LEU A 141 12.93 -9.94 -10.71
CA LEU A 141 11.91 -9.04 -11.23
C LEU A 141 11.26 -8.31 -10.05
N ASN A 142 11.71 -7.09 -9.82
CA ASN A 142 11.43 -6.44 -8.56
C ASN A 142 10.47 -5.26 -8.67
N ASN A 143 9.64 -5.11 -7.65
CA ASN A 143 8.83 -3.91 -7.50
C ASN A 143 7.88 -3.63 -8.65
N PHE A 144 7.05 -4.63 -8.94
CA PHE A 144 6.02 -4.50 -9.97
C PHE A 144 4.60 -4.63 -9.43
N TYR A 145 3.67 -4.11 -10.22
CA TYR A 145 2.25 -4.24 -9.93
C TYR A 145 1.46 -4.17 -11.24
N PRO A 146 0.45 -5.03 -11.43
CA PRO A 146 -0.08 -6.06 -10.54
C PRO A 146 0.62 -7.40 -10.56
N LYS A 147 0.17 -8.24 -9.64
CA LYS A 147 0.71 -9.56 -9.32
C LYS A 147 1.02 -10.34 -10.56
N ASP A 148 0.03 -10.33 -11.43
CA ASP A 148 0.02 -11.19 -12.59
C ASP A 148 1.24 -11.01 -13.50
N ILE A 149 2.06 -12.05 -13.61
CA ILE A 149 3.26 -11.97 -14.40
C ILE A 149 3.76 -13.33 -14.77
N ASN A 150 4.73 -13.35 -15.69
CA ASN A 150 5.37 -14.57 -16.05
C ASN A 150 6.75 -14.36 -16.74
N VAL A 151 7.61 -15.38 -16.71
CA VAL A 151 9.03 -15.30 -17.11
C VAL A 151 9.39 -16.40 -18.11
N LYS A 152 10.19 -16.04 -19.09
CA LYS A 152 10.66 -16.98 -20.08
C LYS A 152 12.16 -16.84 -20.14
N TRP A 153 12.84 -17.98 -20.22
CA TRP A 153 14.29 -18.03 -20.38
C TRP A 153 14.66 -18.43 -21.81
N LYS A 154 15.80 -17.94 -22.28
CA LYS A 154 16.31 -18.30 -23.62
C LYS A 154 17.81 -18.46 -23.61
N ILE A 155 18.28 -19.61 -24.08
CA ILE A 155 19.70 -19.84 -24.33
C ILE A 155 19.95 -19.82 -25.84
N ASP A 156 20.69 -18.80 -26.30
CA ASP A 156 21.01 -18.64 -27.73
C ASP A 156 19.71 -18.60 -28.55
N GLY A 157 18.73 -17.85 -28.06
CA GLY A 157 17.47 -17.64 -28.78
C GLY A 157 16.46 -18.77 -28.67
N SER A 158 16.89 -19.94 -28.22
CA SER A 158 15.95 -21.03 -28.01
C SER A 158 15.42 -21.05 -26.57
N GLU A 159 14.11 -21.25 -26.45
CA GLU A 159 13.47 -21.29 -25.14
C GLU A 159 13.97 -22.49 -24.36
N ARG A 160 14.02 -22.34 -23.05
CA ARG A 160 14.44 -23.40 -22.16
C ARG A 160 13.50 -23.38 -20.98
N GLN A 161 12.97 -24.54 -20.62
CA GLN A 161 12.14 -24.57 -19.42
C GLN A 161 12.53 -25.60 -18.36
N ASN A 162 13.26 -26.64 -18.74
CA ASN A 162 13.84 -27.54 -17.73
C ASN A 162 14.91 -26.82 -16.89
N GLY A 163 14.94 -27.13 -15.60
CA GLY A 163 15.94 -26.56 -14.66
C GLY A 163 15.60 -25.17 -14.13
N VAL A 164 14.37 -24.73 -14.37
CA VAL A 164 13.89 -23.41 -13.93
C VAL A 164 13.02 -23.46 -12.68
N LEU A 165 13.42 -22.66 -11.71
CA LEU A 165 12.70 -22.54 -10.46
C LEU A 165 12.42 -21.07 -10.11
N ASN A 166 11.15 -20.79 -9.85
CA ASN A 166 10.68 -19.46 -9.52
C ASN A 166 10.18 -19.34 -8.12
N SER A 167 10.32 -18.15 -7.54
CA SER A 167 9.77 -17.86 -6.23
C SER A 167 9.21 -16.44 -6.23
N TRP A 168 8.15 -16.21 -5.46
CA TRP A 168 7.49 -14.93 -5.39
C TRP A 168 7.43 -14.40 -3.97
N THR A 169 7.46 -13.08 -3.83
CA THR A 169 7.14 -12.41 -2.56
C THR A 169 5.68 -11.98 -2.57
N ASP A 170 5.19 -11.75 -1.36
CA ASP A 170 3.92 -11.08 -1.12
C ASP A 170 4.12 -9.57 -1.17
N GLN A 171 3.02 -8.83 -1.19
CA GLN A 171 3.10 -7.38 -1.26
C GLN A 171 4.06 -6.74 -0.29
N ASP A 172 4.84 -5.79 -0.79
CA ASP A 172 5.86 -5.12 -0.02
C ASP A 172 5.26 -4.22 1.05
N SER A 173 5.88 -4.24 2.22
CA SER A 173 5.36 -3.62 3.46
C SER A 173 5.39 -2.11 3.42
N LYS A 174 6.06 -1.52 2.43
CA LYS A 174 6.08 -0.05 2.19
C LYS A 174 5.43 0.46 0.90
N ASP A 175 5.65 -0.24 -0.22
CA ASP A 175 5.19 0.31 -1.50
C ASP A 175 4.11 -0.51 -2.16
N SER A 176 3.69 -1.62 -1.54
CA SER A 176 2.59 -2.48 -2.06
C SER A 176 2.84 -3.23 -3.37
N THR A 177 4.08 -3.32 -3.81
CA THR A 177 4.40 -4.04 -5.02
C THR A 177 4.80 -5.46 -4.74
N TYR A 178 4.88 -6.22 -5.81
CA TYR A 178 5.29 -7.62 -5.77
C TYR A 178 6.65 -7.73 -6.47
N SER A 179 7.37 -8.78 -6.10
CA SER A 179 8.69 -9.09 -6.62
C SER A 179 8.81 -10.58 -6.82
N MET A 180 9.67 -10.97 -7.76
CA MET A 180 9.79 -12.36 -8.14
C MET A 180 11.23 -12.77 -8.40
N SER A 181 11.57 -14.00 -8.06
CA SER A 181 12.87 -14.60 -8.38
C SER A 181 12.75 -15.76 -9.37
N SER A 182 13.63 -15.79 -10.38
CA SER A 182 13.70 -16.92 -11.28
C SER A 182 15.13 -17.39 -11.41
N THR A 183 15.34 -18.70 -11.24
CA THR A 183 16.68 -19.29 -11.27
C THR A 183 16.82 -20.49 -12.23
N LEU A 184 17.74 -20.37 -13.18
CA LEU A 184 18.02 -21.44 -14.14
C LEU A 184 19.30 -22.23 -13.80
N THR A 185 19.13 -23.51 -13.56
CA THR A 185 20.25 -24.34 -13.15
C THR A 185 20.66 -25.30 -14.25
N LEU A 186 21.96 -25.29 -14.51
CA LEU A 186 22.60 -26.14 -15.49
C LEU A 186 23.82 -26.77 -14.87
N THR A 187 24.35 -27.74 -15.61
CA THR A 187 25.70 -28.24 -15.34
C THR A 187 26.66 -27.22 -15.92
N LYS A 188 27.90 -27.25 -15.43
CA LYS A 188 28.93 -26.37 -15.95
C LYS A 188 29.22 -26.66 -17.41
N ASP A 189 29.16 -27.92 -17.78
CA ASP A 189 29.45 -28.32 -19.16
C ASP A 189 28.40 -27.73 -20.11
N GLU A 190 27.13 -27.90 -19.77
CA GLU A 190 26.07 -27.30 -20.59
C GLU A 190 26.20 -25.76 -20.65
N TYR A 191 26.48 -25.15 -19.52
CA TYR A 191 26.52 -23.70 -19.45
C TYR A 191 27.60 -23.16 -20.35
N GLU A 192 28.72 -23.85 -20.36
CA GLU A 192 29.88 -23.36 -21.09
C GLU A 192 29.75 -23.59 -22.56
N ARG A 193 28.87 -24.48 -22.98
CA ARG A 193 28.74 -24.74 -24.39
C ARG A 193 27.75 -23.76 -25.12
N HIS A 194 27.30 -22.71 -24.44
CA HIS A 194 26.44 -21.67 -25.05
C HIS A 194 26.93 -20.29 -24.65
N ASN A 195 26.43 -19.28 -25.36
CA ASN A 195 26.92 -17.89 -25.19
C ASN A 195 25.92 -16.89 -24.62
N SER A 196 24.69 -16.97 -25.11
CA SER A 196 23.68 -15.93 -24.94
C SER A 196 22.58 -16.39 -23.96
N TYR A 197 22.48 -15.73 -22.82
CA TYR A 197 21.47 -16.07 -21.80
C TYR A 197 20.49 -14.92 -21.56
N THR A 198 19.23 -15.22 -21.80
CA THR A 198 18.19 -14.19 -21.74
C THR A 198 17.05 -14.54 -20.80
N CYS A 199 16.71 -13.55 -20.01
CA CYS A 199 15.65 -13.62 -19.06
C CYS A 199 14.65 -12.56 -19.51
N GLU A 200 13.38 -12.93 -19.64
CA GLU A 200 12.39 -12.00 -20.16
C GLU A 200 10.97 -12.12 -19.57
N ALA A 201 10.41 -10.95 -19.25
CA ALA A 201 9.18 -10.84 -18.47
C ALA A 201 7.95 -10.33 -19.24
N THR A 202 6.81 -10.97 -19.00
CA THR A 202 5.55 -10.60 -19.59
C THR A 202 4.61 -10.03 -18.52
N HIS A 203 4.20 -8.77 -18.71
CA HIS A 203 3.49 -7.99 -17.71
C HIS A 203 2.67 -6.94 -18.41
N LYS A 204 1.55 -6.52 -17.84
CA LYS A 204 0.66 -5.59 -18.57
C LYS A 204 1.18 -4.16 -18.73
N THR A 205 2.27 -3.82 -18.06
CA THR A 205 2.89 -2.51 -18.18
C THR A 205 3.61 -2.38 -19.51
N SER A 206 3.74 -3.49 -20.23
CA SER A 206 4.40 -3.43 -21.53
C SER A 206 3.76 -4.34 -22.52
N THR A 207 3.79 -3.88 -23.76
CA THR A 207 3.24 -4.62 -24.89
C THR A 207 4.22 -5.69 -25.37
N SER A 208 5.50 -5.45 -25.15
CA SER A 208 6.52 -6.43 -25.45
C SER A 208 7.17 -6.95 -24.19
N PRO A 209 7.74 -8.15 -24.25
CA PRO A 209 8.59 -8.63 -23.20
C PRO A 209 9.71 -7.64 -22.77
N ILE A 210 9.92 -7.54 -21.47
CA ILE A 210 10.98 -6.74 -20.88
C ILE A 210 12.12 -7.67 -20.64
N VAL A 211 13.24 -7.40 -21.30
CA VAL A 211 14.30 -8.37 -21.51
C VAL A 211 15.59 -7.91 -20.83
N LYS A 212 16.30 -8.85 -20.23
CA LYS A 212 17.68 -8.58 -19.79
C LYS A 212 18.53 -9.77 -20.19
N SER A 213 19.80 -9.52 -20.50
CA SER A 213 20.69 -10.61 -20.94
C SER A 213 22.18 -10.34 -20.88
N PHE A 214 22.92 -11.40 -21.16
CA PHE A 214 24.37 -11.36 -21.14
C PHE A 214 24.94 -12.43 -22.05
N ASN A 215 26.22 -12.24 -22.41
CA ASN A 215 27.03 -13.22 -23.16
C ASN A 215 28.30 -13.53 -22.37
N ARG A 216 28.94 -14.68 -22.61
CA ARG A 216 30.21 -15.05 -21.90
C ARG A 216 31.49 -14.63 -22.66
N GLN B 1 12.27 -5.21 27.33
CA GLN B 1 10.82 -5.58 27.36
C GLN B 1 10.63 -7.11 27.30
N VAL B 2 9.39 -7.53 27.12
CA VAL B 2 9.01 -8.94 27.16
C VAL B 2 9.61 -9.71 26.00
N GLN B 3 10.08 -10.92 26.24
CA GLN B 3 10.45 -11.78 25.11
C GLN B 3 10.51 -13.25 25.46
N LEU B 4 10.33 -14.02 24.40
CA LEU B 4 10.22 -15.45 24.46
C LEU B 4 11.20 -16.09 23.46
N LEU B 5 12.37 -16.45 23.97
CA LEU B 5 13.44 -16.97 23.14
C LEU B 5 13.26 -18.45 22.84
N GLU B 6 12.95 -18.75 21.60
CA GLU B 6 12.93 -20.12 21.17
C GLU B 6 14.13 -20.41 20.29
N SER B 7 14.51 -21.67 20.25
CA SER B 7 15.51 -22.13 19.29
C SER B 7 14.99 -22.08 17.83
N GLY B 8 15.88 -21.79 16.88
CA GLY B 8 15.48 -21.62 15.47
C GLY B 8 14.97 -22.87 14.75
N ALA B 9 15.66 -23.98 14.91
CA ALA B 9 15.25 -25.22 14.25
C ALA B 9 15.77 -26.50 14.93
N GLU B 10 15.16 -27.62 14.59
CA GLU B 10 15.60 -28.94 15.05
C GLU B 10 15.22 -29.96 14.01
N LEU B 11 16.24 -30.72 13.61
CA LEU B 11 16.04 -31.86 12.74
C LEU B 11 16.08 -33.07 13.65
N VAL B 12 15.15 -34.01 13.41
CA VAL B 12 15.15 -35.33 14.09
C VAL B 12 14.55 -36.40 13.19
N LYS B 13 14.87 -37.65 13.52
CA LYS B 13 14.47 -38.79 12.70
C LYS B 13 13.14 -39.33 13.19
N PRO B 14 12.41 -39.99 12.28
CA PRO B 14 11.17 -40.65 12.66
C PRO B 14 11.31 -41.56 13.88
N GLY B 15 10.26 -41.62 14.70
CA GLY B 15 10.25 -42.47 15.90
C GLY B 15 10.93 -41.86 17.12
N ALA B 16 11.87 -40.93 16.87
CA ALA B 16 12.64 -40.31 17.93
C ALA B 16 11.78 -39.34 18.71
N PRO B 17 12.17 -39.06 19.96
CA PRO B 17 11.59 -37.97 20.73
C PRO B 17 12.34 -36.66 20.53
N VAL B 18 11.74 -35.56 20.96
CA VAL B 18 12.41 -34.26 20.97
C VAL B 18 11.82 -33.35 22.02
N ARG B 19 12.65 -32.44 22.54
CA ARG B 19 12.19 -31.49 23.54
C ARG B 19 12.47 -30.05 23.13
N LEU B 20 11.42 -29.30 22.83
CA LEU B 20 11.53 -27.90 22.43
C LEU B 20 11.35 -26.98 23.63
N SER B 21 12.11 -25.89 23.63
CA SER B 21 12.14 -24.95 24.75
C SER B 21 11.67 -23.54 24.36
N CYS B 22 11.49 -22.72 25.37
CA CYS B 22 10.95 -21.36 25.22
C CYS B 22 11.36 -20.54 26.42
N LYS B 23 12.52 -19.90 26.32
CA LYS B 23 13.05 -19.17 27.44
C LYS B 23 12.38 -17.81 27.51
N ALA B 24 11.81 -17.53 28.68
CA ALA B 24 11.08 -16.29 28.90
C ALA B 24 11.90 -15.30 29.69
N SER B 25 11.60 -14.03 29.49
CA SER B 25 12.22 -12.96 30.26
C SER B 25 11.40 -11.70 30.09
N GLY B 26 11.70 -10.71 30.93
CA GLY B 26 11.04 -9.41 30.89
C GLY B 26 9.76 -9.32 31.70
N TYR B 27 9.40 -10.39 32.36
CA TYR B 27 8.16 -10.43 33.12
C TYR B 27 8.29 -11.53 34.14
N THR B 28 7.34 -11.60 35.06
CA THR B 28 7.38 -12.66 36.05
C THR B 28 6.83 -13.92 35.40
N PHE B 29 7.71 -14.89 35.24
CA PHE B 29 7.44 -16.11 34.51
C PHE B 29 6.16 -16.82 34.99
N THR B 30 6.02 -16.89 36.31
CA THR B 30 4.95 -17.62 36.98
C THR B 30 3.57 -16.94 36.97
N ASN B 31 3.50 -15.68 36.54
CA ASN B 31 2.22 -14.95 36.53
C ASN B 31 1.36 -15.06 35.25
N TYR B 32 1.85 -15.76 34.22
CA TYR B 32 1.16 -15.89 32.92
C TYR B 32 1.20 -17.31 32.43
N TRP B 33 0.06 -17.79 31.94
CA TRP B 33 -0.01 -19.13 31.27
C TRP B 33 0.90 -19.12 30.01
N MET B 34 1.49 -20.26 29.71
CA MET B 34 2.26 -20.41 28.49
C MET B 34 1.56 -21.39 27.56
N ASN B 35 1.25 -20.91 26.37
CA ASN B 35 0.59 -21.71 25.34
C ASN B 35 1.57 -22.28 24.35
N TRP B 36 1.14 -23.30 23.64
CA TRP B 36 1.91 -23.84 22.53
C TRP B 36 0.99 -24.04 21.35
N VAL B 37 1.43 -23.55 20.21
CA VAL B 37 0.64 -23.58 19.01
C VAL B 37 1.49 -24.11 17.89
N LYS B 38 0.84 -24.84 17.00
CA LYS B 38 1.48 -25.52 15.89
C LYS B 38 0.94 -24.98 14.58
N GLN B 39 1.87 -24.61 13.70
CA GLN B 39 1.57 -24.15 12.36
C GLN B 39 2.37 -24.94 11.34
N ARG B 40 1.67 -25.55 10.40
CA ARG B 40 2.31 -26.27 9.30
C ARG B 40 2.49 -25.27 8.16
N PRO B 41 3.67 -25.28 7.50
CA PRO B 41 3.96 -24.41 6.34
C PRO B 41 2.83 -24.24 5.31
N GLY B 42 2.51 -22.98 4.99
CA GLY B 42 1.37 -22.61 4.13
C GLY B 42 0.03 -22.75 4.83
N ARG B 43 0.01 -23.68 5.78
CA ARG B 43 -1.19 -24.05 6.52
C ARG B 43 -1.52 -23.08 7.71
N GLY B 44 -2.50 -23.45 8.54
CA GLY B 44 -3.06 -22.59 9.60
C GLY B 44 -2.69 -23.03 11.00
N LEU B 45 -3.26 -22.36 11.99
CA LEU B 45 -2.83 -22.48 13.36
C LEU B 45 -3.64 -23.49 14.12
N GLU B 46 -2.97 -24.30 14.93
CA GLU B 46 -3.60 -25.33 15.73
C GLU B 46 -3.14 -25.26 17.19
N TRP B 47 -4.08 -25.18 18.15
CA TRP B 47 -3.72 -25.05 19.58
C TRP B 47 -3.39 -26.40 20.20
N ILE B 48 -2.28 -26.46 20.90
CA ILE B 48 -1.76 -27.73 21.42
C ILE B 48 -2.11 -27.90 22.89
N GLY B 49 -1.88 -26.85 23.66
CA GLY B 49 -2.17 -26.87 25.08
C GLY B 49 -1.54 -25.70 25.78
N ARG B 50 -1.66 -25.69 27.08
CA ARG B 50 -1.12 -24.59 27.86
C ARG B 50 -0.89 -25.02 29.29
N ILE B 51 -0.03 -24.28 29.96
CA ILE B 51 0.46 -24.67 31.25
C ILE B 51 0.62 -23.45 32.14
N ASP B 52 0.18 -23.58 33.39
CA ASP B 52 0.37 -22.55 34.40
C ASP B 52 1.70 -22.84 35.06
N PRO B 53 2.69 -21.94 34.92
CA PRO B 53 4.00 -22.24 35.52
C PRO B 53 4.06 -22.26 37.07
N SER B 54 3.13 -21.56 37.74
CA SER B 54 3.15 -21.49 39.23
C SER B 54 2.98 -22.87 39.87
N ASP B 55 1.99 -23.62 39.40
CA ASP B 55 1.67 -24.94 39.97
C ASP B 55 1.67 -26.09 38.94
N SER B 56 2.01 -25.77 37.68
CA SER B 56 2.05 -26.75 36.56
C SER B 56 0.70 -27.36 36.19
N GLU B 57 -0.38 -26.64 36.44
CA GLU B 57 -1.69 -27.06 35.95
C GLU B 57 -1.57 -27.12 34.42
N THR B 58 -1.96 -28.24 33.81
CA THR B 58 -1.76 -28.42 32.35
C THR B 58 -2.97 -28.90 31.60
N HIS B 59 -3.35 -28.16 30.57
CA HIS B 59 -4.39 -28.60 29.67
C HIS B 59 -3.80 -28.98 28.34
N TYR B 60 -4.45 -29.95 27.70
CA TYR B 60 -4.13 -30.34 26.36
C TYR B 60 -5.37 -30.29 25.45
N ASN B 61 -5.14 -29.97 24.19
CA ASN B 61 -6.08 -30.23 23.11
C ASN B 61 -6.03 -31.73 22.95
N GLN B 62 -7.20 -32.36 22.81
CA GLN B 62 -7.27 -33.82 22.84
C GLN B 62 -6.63 -34.45 21.60
N ASN B 63 -6.53 -33.66 20.55
CA ASN B 63 -5.92 -34.15 19.32
C ASN B 63 -4.41 -34.40 19.51
N PHE B 64 -3.81 -33.71 20.47
CA PHE B 64 -2.37 -33.87 20.79
C PHE B 64 -2.05 -34.72 22.01
N LYS B 65 -3.03 -35.52 22.42
CA LYS B 65 -2.95 -36.31 23.63
C LYS B 65 -1.94 -37.47 23.47
N ASP B 66 -1.10 -37.63 24.50
CA ASP B 66 0.01 -38.63 24.50
C ASP B 66 1.13 -38.26 23.54
N LYS B 67 0.80 -37.49 22.51
CA LYS B 67 1.80 -36.99 21.60
C LYS B 67 2.61 -35.90 22.28
N ALA B 68 1.93 -35.07 23.07
CA ALA B 68 2.56 -33.87 23.61
C ALA B 68 2.46 -33.76 25.13
N THR B 69 3.56 -33.37 25.74
CA THR B 69 3.68 -33.29 27.19
C THR B 69 4.28 -31.94 27.54
N LEU B 70 3.73 -31.22 28.50
CA LEU B 70 4.22 -29.87 28.87
C LEU B 70 4.88 -29.87 30.22
N THR B 71 5.93 -29.07 30.37
CA THR B 71 6.60 -28.86 31.66
C THR B 71 7.11 -27.44 31.74
N VAL B 72 7.71 -27.12 32.86
CA VAL B 72 8.50 -25.91 33.03
C VAL B 72 9.65 -26.14 34.02
N ASP B 73 10.60 -25.21 34.06
CA ASP B 73 11.64 -25.17 35.09
C ASP B 73 11.67 -23.75 35.61
N LYS B 74 11.04 -23.55 36.76
CA LYS B 74 10.96 -22.20 37.36
C LYS B 74 12.32 -21.59 37.53
N SER B 75 13.26 -22.46 37.88
CA SER B 75 14.64 -22.08 38.16
C SER B 75 15.20 -21.24 37.00
N SER B 76 14.87 -21.63 35.77
CA SER B 76 15.40 -21.00 34.56
C SER B 76 14.37 -20.21 33.75
N SER B 77 13.14 -20.12 34.24
CA SER B 77 12.06 -19.42 33.53
C SER B 77 11.82 -19.95 32.13
N THR B 78 11.81 -21.27 31.99
CA THR B 78 11.76 -21.89 30.68
C THR B 78 10.56 -22.82 30.60
N ALA B 79 9.90 -22.85 29.44
CA ALA B 79 8.77 -23.74 29.20
C ALA B 79 9.14 -24.77 28.16
N TYR B 80 8.74 -26.03 28.38
CA TYR B 80 9.08 -27.13 27.48
C TYR B 80 7.86 -27.85 26.97
N ILE B 81 8.03 -28.38 25.76
CA ILE B 81 7.09 -29.30 25.19
C ILE B 81 7.90 -30.50 24.70
N GLN B 82 7.38 -31.67 25.01
CA GLN B 82 8.06 -32.93 24.77
C GLN B 82 7.15 -33.70 23.80
N LEU B 83 7.74 -34.05 22.67
CA LEU B 83 7.01 -34.77 21.65
C LEU B 83 7.60 -36.16 21.44
N SER B 84 6.74 -37.18 21.49
CA SER B 84 7.18 -38.55 21.41
C SER B 84 6.88 -39.14 20.04
N SER B 85 7.65 -40.19 19.70
CA SER B 85 7.62 -40.93 18.42
C SER B 85 7.20 -40.11 17.18
N LEU B 86 8.15 -39.31 16.69
CA LEU B 86 7.81 -38.33 15.67
C LEU B 86 7.50 -38.92 14.31
N THR B 87 6.76 -38.14 13.53
CA THR B 87 6.39 -38.46 12.17
C THR B 87 6.38 -37.19 11.35
N SER B 88 6.41 -37.33 10.02
CA SER B 88 6.38 -36.17 9.13
C SER B 88 5.11 -35.31 9.31
N GLU B 89 4.05 -35.90 9.87
CA GLU B 89 2.84 -35.14 10.23
C GLU B 89 3.09 -34.14 11.40
N ASP B 90 4.14 -34.36 12.18
CA ASP B 90 4.54 -33.45 13.25
C ASP B 90 5.48 -32.32 12.79
N SER B 91 6.00 -32.43 11.57
CA SER B 91 6.88 -31.40 11.05
C SER B 91 6.16 -30.09 10.89
N ALA B 92 6.63 -29.05 11.56
CA ALA B 92 5.89 -27.80 11.68
C ALA B 92 6.65 -26.75 12.42
N VAL B 93 6.07 -25.54 12.49
CA VAL B 93 6.59 -24.51 13.38
C VAL B 93 5.81 -24.57 14.66
N TYR B 94 6.54 -24.46 15.76
CA TYR B 94 5.97 -24.59 17.07
C TYR B 94 6.21 -23.29 17.83
N TYR B 95 5.11 -22.59 18.10
CA TYR B 95 5.18 -21.32 18.77
C TYR B 95 4.82 -21.49 20.21
N CYS B 96 5.59 -20.89 21.10
CA CYS B 96 5.13 -20.67 22.46
C CYS B 96 4.54 -19.28 22.49
N ALA B 97 3.58 -19.08 23.38
CA ALA B 97 2.91 -17.79 23.50
C ALA B 97 2.28 -17.55 24.87
N ARG B 98 2.26 -16.28 25.22
CA ARG B 98 1.71 -15.78 26.47
C ARG B 98 0.77 -14.65 26.05
N SER B 99 -0.15 -14.28 26.94
CA SER B 99 -1.04 -13.13 26.69
C SER B 99 -0.33 -11.95 26.05
N GLY B 100 -0.69 -11.62 24.82
CA GLY B 100 -0.12 -10.44 24.15
C GLY B 100 1.21 -10.56 23.40
N TYR B 101 1.88 -11.71 23.52
CA TYR B 101 3.26 -11.89 23.01
C TYR B 101 3.55 -13.32 22.51
N TRP B 102 4.00 -13.44 21.27
CA TRP B 102 4.30 -14.73 20.67
C TRP B 102 5.78 -14.90 20.51
N GLY B 103 6.26 -16.14 20.64
CA GLY B 103 7.67 -16.44 20.41
C GLY B 103 7.99 -16.44 18.91
N GLN B 104 9.26 -16.64 18.59
CA GLN B 104 9.72 -16.63 17.20
C GLN B 104 9.50 -17.97 16.49
N GLY B 105 9.31 -19.00 17.27
CA GLY B 105 8.91 -20.30 16.76
C GLY B 105 10.11 -21.16 16.43
N THR B 106 9.97 -22.46 16.67
CA THR B 106 11.01 -23.43 16.32
C THR B 106 10.52 -24.28 15.15
N THR B 107 11.25 -24.28 14.04
CA THR B 107 10.88 -25.13 12.88
C THR B 107 11.39 -26.54 13.13
N LEU B 108 10.47 -27.46 13.35
CA LEU B 108 10.80 -28.86 13.57
C LEU B 108 10.65 -29.61 12.28
N THR B 109 11.73 -30.25 11.86
CA THR B 109 11.67 -31.12 10.70
C THR B 109 11.95 -32.54 11.18
N VAL B 110 11.11 -33.46 10.70
CA VAL B 110 11.19 -34.88 11.02
C VAL B 110 11.53 -35.67 9.75
N SER B 111 12.79 -36.07 9.65
CA SER B 111 13.28 -36.66 8.40
C SER B 111 14.52 -37.49 8.70
N SER B 112 14.76 -38.51 7.90
CA SER B 112 15.89 -39.41 8.18
C SER B 112 17.17 -38.89 7.55
N ALA B 113 17.11 -37.69 6.96
CA ALA B 113 18.24 -37.15 6.18
C ALA B 113 19.23 -36.37 7.03
N LYS B 114 20.42 -36.21 6.46
CA LYS B 114 21.49 -35.47 7.12
C LYS B 114 21.25 -33.94 7.02
N THR B 115 21.70 -33.23 8.05
CA THR B 115 21.75 -31.77 8.04
C THR B 115 22.75 -31.43 6.94
N THR B 116 22.33 -30.54 6.06
CA THR B 116 23.16 -30.12 4.93
C THR B 116 23.26 -28.61 4.98
N PRO B 117 24.42 -28.07 5.39
CA PRO B 117 24.61 -26.61 5.36
C PRO B 117 24.57 -26.04 3.94
N PRO B 118 24.19 -24.76 3.80
CA PRO B 118 24.00 -24.16 2.50
C PRO B 118 25.32 -23.72 1.92
N SER B 119 25.38 -23.64 0.59
CA SER B 119 26.47 -23.01 -0.13
C SER B 119 25.95 -21.65 -0.52
N VAL B 120 26.80 -20.63 -0.36
CA VAL B 120 26.35 -19.26 -0.58
C VAL B 120 27.13 -18.65 -1.72
N TYR B 121 26.42 -18.03 -2.64
CA TYR B 121 27.06 -17.52 -3.85
C TYR B 121 26.66 -16.06 -4.09
N PRO B 122 27.66 -15.19 -4.35
CA PRO B 122 27.34 -13.77 -4.55
C PRO B 122 26.82 -13.53 -5.94
N LEU B 123 26.03 -12.49 -6.06
CA LEU B 123 25.45 -12.10 -7.34
C LEU B 123 25.76 -10.65 -7.53
N ALA B 124 26.77 -10.42 -8.38
CA ALA B 124 27.26 -9.09 -8.76
C ALA B 124 26.98 -8.82 -10.25
N PRO B 125 26.92 -7.54 -10.64
CA PRO B 125 26.68 -7.25 -12.06
C PRO B 125 27.93 -7.38 -12.92
N GLY B 126 27.71 -7.68 -14.21
CA GLY B 126 28.78 -7.76 -15.24
C GLY B 126 29.08 -6.48 -16.03
N SER B 127 28.17 -5.51 -16.00
CA SER B 127 28.38 -4.15 -16.55
C SER B 127 28.77 -4.25 -18.02
N SER B 133 24.19 4.89 -11.57
CA SER B 133 22.99 5.30 -10.80
C SER B 133 22.67 4.48 -9.55
N MET B 134 22.11 3.30 -9.74
CA MET B 134 21.42 2.61 -8.68
C MET B 134 21.59 1.13 -8.93
N VAL B 135 22.09 0.37 -7.97
CA VAL B 135 22.51 -1.03 -8.25
C VAL B 135 21.82 -2.13 -7.45
N THR B 136 21.53 -3.24 -8.14
CA THR B 136 21.01 -4.45 -7.51
C THR B 136 22.09 -5.51 -7.39
N LEU B 137 22.34 -5.95 -6.16
CA LEU B 137 23.24 -7.09 -5.90
C LEU B 137 22.39 -8.20 -5.31
N GLY B 138 23.01 -9.35 -5.11
CA GLY B 138 22.33 -10.44 -4.47
C GLY B 138 23.14 -11.59 -3.97
N CYS B 139 22.39 -12.52 -3.38
CA CYS B 139 22.93 -13.72 -2.77
C CYS B 139 22.13 -14.95 -3.08
N LEU B 140 22.84 -15.96 -3.55
CA LEU B 140 22.22 -17.22 -3.84
C LEU B 140 22.57 -18.22 -2.75
N VAL B 141 21.55 -18.70 -2.07
CA VAL B 141 21.73 -19.60 -0.96
C VAL B 141 21.21 -20.92 -1.41
N LYS B 142 22.13 -21.82 -1.68
CA LYS B 142 21.83 -23.03 -2.41
C LYS B 142 22.20 -24.31 -1.67
N GLY B 143 21.29 -25.27 -1.77
CA GLY B 143 21.59 -26.67 -1.42
C GLY B 143 21.57 -26.99 0.06
N TYR B 144 20.60 -26.42 0.78
CA TYR B 144 20.53 -26.62 2.24
C TYR B 144 19.36 -27.49 2.68
N PHE B 145 19.46 -27.97 3.91
CA PHE B 145 18.44 -28.82 4.54
C PHE B 145 18.71 -28.95 6.05
N PRO B 146 17.68 -28.77 6.87
CA PRO B 146 16.32 -28.41 6.52
C PRO B 146 16.11 -26.90 6.57
N GLU B 147 14.88 -26.47 6.32
CA GLU B 147 14.47 -25.08 6.58
C GLU B 147 14.65 -24.79 8.07
N PRO B 148 14.79 -23.52 8.43
CA PRO B 148 14.85 -22.32 7.61
C PRO B 148 16.29 -21.80 7.50
N VAL B 149 16.47 -20.77 6.69
CA VAL B 149 17.67 -19.92 6.69
C VAL B 149 17.23 -18.50 6.86
N THR B 150 18.13 -17.68 7.36
CA THR B 150 17.84 -16.30 7.56
C THR B 150 18.92 -15.51 6.88
N VAL B 151 18.52 -14.45 6.20
CA VAL B 151 19.45 -13.63 5.48
C VAL B 151 19.37 -12.18 5.95
N THR B 152 20.52 -11.59 6.22
CA THR B 152 20.59 -10.15 6.42
C THR B 152 21.68 -9.53 5.54
N TRP B 153 21.71 -8.21 5.49
CA TRP B 153 22.73 -7.50 4.73
C TRP B 153 23.37 -6.50 5.64
N ASN B 154 24.69 -6.58 5.70
CA ASN B 154 25.52 -5.77 6.58
C ASN B 154 24.99 -5.82 7.99
N SER B 155 24.87 -7.05 8.44
CA SER B 155 24.36 -7.40 9.78
C SER B 155 23.14 -6.61 10.26
N GLY B 156 22.27 -6.26 9.31
CA GLY B 156 20.99 -5.63 9.62
C GLY B 156 20.91 -4.14 9.34
N SER B 157 22.04 -3.53 9.05
CA SER B 157 22.09 -2.10 8.72
C SER B 157 21.42 -1.83 7.40
N LEU B 158 21.63 -2.73 6.44
CA LEU B 158 20.95 -2.66 5.14
C LEU B 158 19.67 -3.47 5.14
N SER B 159 18.55 -2.78 5.31
CA SER B 159 17.26 -3.46 5.31
C SER B 159 16.26 -2.86 4.33
N SER B 160 16.59 -1.69 3.81
CA SER B 160 15.75 -0.97 2.88
C SER B 160 16.03 -1.44 1.44
N GLY B 161 14.97 -1.66 0.66
CA GLY B 161 15.14 -2.12 -0.73
C GLY B 161 15.68 -3.54 -0.84
N VAL B 162 15.44 -4.34 0.20
CA VAL B 162 15.80 -5.73 0.27
C VAL B 162 14.61 -6.63 -0.06
N HIS B 163 14.87 -7.68 -0.82
CA HIS B 163 13.86 -8.69 -1.19
C HIS B 163 14.45 -10.08 -0.94
N THR B 164 13.88 -10.80 0.02
CA THR B 164 14.29 -12.18 0.29
C THR B 164 13.14 -13.11 -0.01
N PHE B 165 13.41 -14.11 -0.82
CA PHE B 165 12.40 -14.91 -1.43
C PHE B 165 12.18 -16.21 -0.70
N PRO B 166 10.97 -16.75 -0.78
CA PRO B 166 10.77 -18.06 -0.21
C PRO B 166 11.58 -19.12 -0.90
N ALA B 167 11.88 -20.16 -0.15
CA ALA B 167 12.72 -21.20 -0.67
C ALA B 167 11.94 -22.13 -1.57
N VAL B 168 12.65 -22.68 -2.52
CA VAL B 168 12.14 -23.70 -3.41
C VAL B 168 12.81 -24.99 -2.99
N LEU B 169 12.13 -26.11 -3.18
CA LEU B 169 12.70 -27.44 -2.88
C LEU B 169 12.97 -28.20 -4.18
N GLN B 170 14.24 -28.51 -4.43
CA GLN B 170 14.64 -29.27 -5.60
C GLN B 170 15.52 -30.44 -5.19
N SER B 171 15.06 -31.64 -5.51
CA SER B 171 15.85 -32.84 -5.32
C SER B 171 16.22 -32.96 -3.84
N ASP B 172 15.22 -32.75 -2.98
CA ASP B 172 15.36 -32.90 -1.51
C ASP B 172 16.28 -31.89 -0.82
N LEU B 173 16.63 -30.83 -1.55
CA LEU B 173 17.40 -29.70 -1.00
C LEU B 173 16.72 -28.35 -1.26
N TYR B 174 16.97 -27.40 -0.37
CA TYR B 174 16.32 -26.09 -0.44
C TYR B 174 17.23 -25.04 -1.06
N THR B 175 16.63 -24.19 -1.86
CA THR B 175 17.33 -23.09 -2.48
C THR B 175 16.49 -21.84 -2.32
N LEU B 176 17.19 -20.73 -2.19
CA LEU B 176 16.58 -19.45 -1.97
C LEU B 176 17.57 -18.39 -2.43
N SER B 177 17.09 -17.17 -2.57
CA SER B 177 17.98 -16.06 -2.87
C SER B 177 17.46 -14.75 -2.30
N SER B 178 18.36 -13.76 -2.21
CA SER B 178 18.00 -12.41 -1.72
C SER B 178 18.66 -11.32 -2.55
N SER B 179 17.89 -10.29 -2.86
CA SER B 179 18.42 -9.13 -3.60
C SER B 179 18.46 -7.91 -2.74
N VAL B 180 19.48 -7.10 -2.95
CA VAL B 180 19.53 -5.80 -2.31
C VAL B 180 19.84 -4.73 -3.36
N THR B 181 19.07 -3.65 -3.33
CA THR B 181 19.27 -2.50 -4.24
C THR B 181 19.77 -1.28 -3.47
N VAL B 182 20.86 -0.70 -3.95
CA VAL B 182 21.57 0.42 -3.27
C VAL B 182 22.22 1.41 -4.24
N PRO B 183 22.52 2.65 -3.80
CA PRO B 183 23.12 3.63 -4.71
C PRO B 183 24.48 3.18 -5.22
N SER B 184 24.74 3.47 -6.49
CA SER B 184 26.03 3.18 -7.14
C SER B 184 27.15 3.90 -6.39
N SER B 185 26.82 5.09 -5.89
CA SER B 185 27.64 5.87 -4.96
C SER B 185 28.26 4.99 -3.87
N THR B 186 27.42 4.20 -3.22
CA THR B 186 27.80 3.45 -2.01
C THR B 186 28.37 2.07 -2.25
N TRP B 187 28.47 1.66 -3.51
CA TRP B 187 29.09 0.39 -3.84
C TRP B 187 29.71 0.50 -5.21
N PRO B 188 30.88 -0.14 -5.38
CA PRO B 188 31.64 -0.90 -4.39
C PRO B 188 32.56 -0.07 -3.54
N SER B 189 32.39 1.24 -3.69
CA SER B 189 32.93 2.23 -2.77
C SER B 189 32.98 1.75 -1.31
N GLU B 190 31.82 1.40 -0.79
CA GLU B 190 31.68 0.81 0.52
C GLU B 190 31.25 -0.67 0.45
N THR B 191 31.80 -1.45 1.36
CA THR B 191 31.46 -2.86 1.51
C THR B 191 29.96 -3.18 1.54
N VAL B 192 29.57 -4.27 0.87
CA VAL B 192 28.22 -4.86 1.00
C VAL B 192 28.34 -6.36 1.18
N THR B 193 27.71 -6.85 2.22
CA THR B 193 27.89 -8.24 2.63
C THR B 193 26.56 -8.91 2.98
N CYS B 194 26.46 -10.11 2.46
CA CYS B 194 25.43 -11.11 2.74
C CYS B 194 25.64 -11.86 4.02
N ASN B 195 24.62 -11.98 4.89
CA ASN B 195 24.75 -12.73 6.15
C ASN B 195 23.69 -13.83 6.21
N VAL B 196 24.13 -15.07 6.27
CA VAL B 196 23.23 -16.20 6.16
C VAL B 196 23.33 -17.14 7.34
N ALA B 197 22.23 -17.40 8.01
CA ALA B 197 22.19 -18.29 9.16
C ALA B 197 21.43 -19.53 8.77
N HIS B 198 21.93 -20.69 9.19
CA HIS B 198 21.21 -21.93 9.02
C HIS B 198 21.23 -22.61 10.37
N PRO B 199 20.23 -22.32 11.21
CA PRO B 199 20.30 -22.70 12.60
C PRO B 199 20.29 -24.20 12.83
N ALA B 200 19.69 -24.97 11.93
CA ALA B 200 19.67 -26.43 12.11
C ALA B 200 21.07 -27.08 12.15
N SER B 201 21.99 -26.53 11.37
CA SER B 201 23.39 -27.01 11.36
C SER B 201 24.26 -26.08 12.17
N SER B 202 23.67 -25.07 12.80
CA SER B 202 24.38 -24.08 13.60
C SER B 202 25.45 -23.36 12.78
N THR B 203 25.11 -23.07 11.53
CA THR B 203 26.04 -22.48 10.57
C THR B 203 25.78 -21.00 10.31
N LYS B 204 26.87 -20.27 10.09
CA LYS B 204 26.86 -18.86 9.68
C LYS B 204 27.83 -18.69 8.54
N VAL B 205 27.41 -17.92 7.53
CA VAL B 205 28.25 -17.65 6.39
C VAL B 205 28.09 -16.22 5.98
N ASP B 206 29.21 -15.55 5.72
CA ASP B 206 29.22 -14.18 5.21
C ASP B 206 29.83 -14.16 3.81
N LYS B 207 29.23 -13.40 2.91
CA LYS B 207 29.73 -13.26 1.55
C LYS B 207 29.83 -11.79 1.22
N LYS B 208 31.04 -11.34 0.94
CA LYS B 208 31.26 -9.99 0.47
C LYS B 208 30.93 -9.97 -1.01
N ILE B 209 30.13 -9.00 -1.42
CA ILE B 209 29.83 -8.88 -2.84
C ILE B 209 30.96 -8.09 -3.50
N VAL B 210 31.80 -8.83 -4.23
CA VAL B 210 32.87 -8.19 -4.99
C VAL B 210 32.50 -7.98 -6.45
N PRO B 211 33.02 -6.91 -7.05
CA PRO B 211 32.62 -6.60 -8.44
C PRO B 211 33.19 -7.60 -9.44
N ARG B 212 32.49 -7.79 -10.56
CA ARG B 212 32.77 -8.89 -11.51
C ARG B 212 33.48 -8.35 -12.76
N GLU C 1 7.38 -0.41 -27.22
CA GLU C 1 7.16 0.86 -26.46
C GLU C 1 8.12 0.94 -25.29
N LEU C 2 8.55 2.15 -25.02
CA LEU C 2 9.67 2.35 -24.15
C LEU C 2 9.30 2.37 -22.67
N GLU C 3 10.09 1.68 -21.88
CA GLU C 3 9.65 1.38 -20.54
C GLU C 3 10.47 2.19 -19.50
N MET C 4 9.74 2.97 -18.68
CA MET C 4 10.32 3.79 -17.61
C MET C 4 10.14 3.20 -16.20
N THR C 5 11.21 3.13 -15.44
CA THR C 5 11.23 2.46 -14.15
C THR C 5 11.71 3.42 -13.08
N GLN C 6 10.88 3.73 -12.10
CA GLN C 6 11.29 4.62 -10.99
C GLN C 6 11.63 3.83 -9.75
N SER C 7 12.68 4.24 -9.05
CA SER C 7 13.14 3.58 -7.84
C SER C 7 13.67 4.63 -6.85
N PRO C 8 13.16 4.70 -5.61
CA PRO C 8 12.08 3.94 -5.05
C PRO C 8 10.73 4.49 -5.46
N LEU C 9 9.70 3.77 -5.04
CA LEU C 9 8.34 4.18 -5.32
C LEU C 9 7.71 4.95 -4.17
N THR C 10 8.25 4.82 -2.98
CA THR C 10 7.80 5.66 -1.86
C THR C 10 8.97 6.29 -1.18
N LEU C 11 8.71 7.49 -0.67
CA LEU C 11 9.71 8.20 0.03
C LEU C 11 9.10 8.90 1.22
N SER C 12 9.71 8.71 2.37
CA SER C 12 9.20 9.26 3.64
C SER C 12 10.34 9.93 4.46
N VAL C 13 10.26 11.26 4.55
CA VAL C 13 11.33 12.04 5.15
C VAL C 13 10.80 13.15 5.99
N THR C 14 11.58 13.49 6.99
CA THR C 14 11.32 14.67 7.81
C THR C 14 11.79 15.87 7.02
N THR C 15 11.02 16.95 7.05
CA THR C 15 11.46 18.20 6.43
C THR C 15 12.91 18.51 6.85
N GLY C 16 13.72 18.99 5.90
CA GLY C 16 15.17 19.14 6.07
C GLY C 16 16.06 18.08 5.41
N GLN C 17 15.58 16.84 5.36
CA GLN C 17 16.33 15.71 4.79
C GLN C 17 16.37 15.77 3.26
N PRO C 18 17.46 15.25 2.67
CA PRO C 18 17.57 15.13 1.22
C PRO C 18 16.76 13.99 0.64
N ALA C 19 16.43 14.12 -0.62
CA ALA C 19 15.67 13.09 -1.31
C ALA C 19 16.22 12.85 -2.71
N SER C 20 16.19 11.59 -3.13
CA SER C 20 16.74 11.22 -4.43
C SER C 20 15.76 10.23 -5.04
N ILE C 21 15.40 10.46 -6.30
CA ILE C 21 14.66 9.47 -7.09
C ILE C 21 15.41 9.03 -8.37
N SER C 22 15.45 7.73 -8.60
CA SER C 22 16.15 7.21 -9.78
C SER C 22 15.16 6.81 -10.85
N CYS C 23 15.48 7.17 -12.09
CA CYS C 23 14.67 6.83 -13.26
C CYS C 23 15.51 6.09 -14.30
N LYS C 24 15.05 4.92 -14.71
CA LYS C 24 15.73 4.10 -15.71
C LYS C 24 14.83 3.87 -16.94
N SER C 25 15.41 3.94 -18.12
CA SER C 25 14.68 3.68 -19.37
C SER C 25 15.16 2.39 -20.01
N SER C 26 14.24 1.66 -20.64
CA SER C 26 14.57 0.40 -21.33
C SER C 26 15.37 0.59 -22.63
N GLN C 27 15.61 1.84 -22.99
CA GLN C 27 16.32 2.16 -24.22
C GLN C 27 16.90 3.56 -24.05
N SER C 28 18.05 3.84 -24.65
CA SER C 28 18.64 5.19 -24.58
C SER C 28 17.65 6.28 -24.96
N LEU C 29 17.73 7.41 -24.29
CA LEU C 29 16.85 8.54 -24.60
C LEU C 29 17.57 9.67 -25.34
N LEU C 30 18.85 9.46 -25.67
CA LEU C 30 19.58 10.38 -26.55
C LEU C 30 18.93 10.32 -27.94
N ASP C 31 18.30 11.42 -28.35
CA ASP C 31 17.64 11.50 -29.67
C ASP C 31 18.73 11.66 -30.71
N SER C 32 18.39 11.31 -31.94
CA SER C 32 19.26 11.50 -33.11
C SER C 32 19.69 12.95 -33.29
N ASP C 33 18.93 13.89 -32.72
CA ASP C 33 19.27 15.35 -32.76
C ASP C 33 20.25 15.83 -31.70
N GLY C 34 20.80 14.93 -30.90
CA GLY C 34 21.77 15.31 -29.86
C GLY C 34 21.15 15.71 -28.53
N LYS C 35 19.83 15.82 -28.49
CA LYS C 35 19.12 16.17 -27.26
C LYS C 35 18.54 14.95 -26.58
N THR C 36 18.40 15.01 -25.26
CA THR C 36 17.85 13.91 -24.47
C THR C 36 16.52 14.33 -23.83
N TYR C 37 15.42 13.73 -24.25
CA TYR C 37 14.10 14.25 -23.90
C TYR C 37 13.52 13.49 -22.72
N LEU C 38 14.12 13.77 -21.56
CA LEU C 38 13.72 13.18 -20.29
C LEU C 38 13.20 14.27 -19.41
N ASN C 39 12.01 14.06 -18.88
CA ASN C 39 11.35 15.07 -18.08
C ASN C 39 10.97 14.57 -16.72
N TRP C 40 10.80 15.50 -15.80
CA TRP C 40 10.21 15.24 -14.49
C TRP C 40 8.98 16.06 -14.24
N LEU C 41 8.12 15.53 -13.40
CA LEU C 41 6.77 16.04 -13.24
C LEU C 41 6.33 15.84 -11.80
N LEU C 42 5.46 16.73 -11.32
CA LEU C 42 4.90 16.59 -9.96
C LEU C 42 3.37 16.70 -9.96
N GLN C 43 2.71 15.79 -9.27
CA GLN C 43 1.26 15.92 -9.10
C GLN C 43 0.85 15.73 -7.64
N ARG C 44 0.19 16.72 -7.05
CA ARG C 44 -0.54 16.46 -5.79
C ARG C 44 -1.89 15.93 -6.24
N PRO C 45 -2.20 14.63 -6.00
CA PRO C 45 -3.42 14.00 -6.59
C PRO C 45 -4.74 14.73 -6.40
N GLY C 46 -5.63 14.52 -7.34
CA GLY C 46 -6.82 15.37 -7.49
C GLY C 46 -6.57 16.69 -8.23
N GLN C 47 -5.32 17.14 -8.24
CA GLN C 47 -4.93 18.37 -8.94
C GLN C 47 -4.14 18.05 -10.20
N SER C 48 -3.96 19.04 -11.06
CA SER C 48 -3.24 18.85 -12.29
C SER C 48 -1.71 18.83 -12.13
N PRO C 49 -1.05 18.07 -13.00
CA PRO C 49 0.41 17.95 -13.01
C PRO C 49 1.14 19.26 -13.26
N LYS C 50 2.36 19.35 -12.71
CA LYS C 50 3.20 20.51 -12.90
C LYS C 50 4.58 20.11 -13.33
N ARG C 51 5.08 20.78 -14.36
CA ARG C 51 6.42 20.52 -14.84
C ARG C 51 7.42 20.94 -13.81
N LEU C 52 8.39 20.06 -13.57
CA LEU C 52 9.54 20.35 -12.75
C LEU C 52 10.77 20.56 -13.58
N ILE C 53 11.08 19.57 -14.41
CA ILE C 53 12.32 19.54 -15.14
C ILE C 53 12.10 19.07 -16.58
N TYR C 54 12.86 19.65 -17.49
CA TYR C 54 12.89 19.23 -18.86
C TYR C 54 14.32 19.17 -19.35
N LEU C 55 14.50 18.39 -20.41
CA LEU C 55 15.84 18.12 -20.97
C LEU C 55 16.85 17.64 -19.94
N VAL C 56 16.43 16.67 -19.14
CA VAL C 56 17.29 16.05 -18.12
C VAL C 56 17.55 16.92 -16.87
N SER C 57 17.87 18.21 -17.10
CA SER C 57 18.48 19.07 -16.08
C SER C 57 17.96 20.49 -16.01
N LYS C 58 17.18 20.92 -17.00
CA LYS C 58 16.72 22.30 -17.06
C LYS C 58 15.51 22.46 -16.20
N VAL C 59 15.65 23.25 -15.14
CA VAL C 59 14.60 23.37 -14.12
C VAL C 59 13.57 24.45 -14.45
N ASP C 60 12.29 24.09 -14.41
CA ASP C 60 11.21 25.03 -14.71
C ASP C 60 11.39 26.21 -13.80
N SER C 61 11.08 27.40 -14.32
CA SER C 61 11.10 28.61 -13.52
C SER C 61 9.76 28.67 -12.83
N GLY C 62 9.76 28.89 -11.52
CA GLY C 62 8.57 28.63 -10.70
C GLY C 62 8.81 27.45 -9.76
N VAL C 63 9.87 26.72 -10.01
CA VAL C 63 10.23 25.58 -9.20
C VAL C 63 11.50 25.92 -8.40
N PRO C 64 11.47 25.68 -7.07
CA PRO C 64 12.55 26.14 -6.19
C PRO C 64 13.92 25.57 -6.57
N ASP C 65 14.97 26.27 -6.16
CA ASP C 65 16.35 25.93 -6.57
C ASP C 65 16.96 24.70 -5.95
N ARG C 66 16.26 24.11 -4.98
CA ARG C 66 16.73 22.89 -4.35
C ARG C 66 16.46 21.65 -5.19
N PHE C 67 15.65 21.77 -6.23
CA PHE C 67 15.44 20.66 -7.16
C PHE C 67 16.55 20.61 -8.22
N THR C 68 17.15 19.44 -8.41
CA THR C 68 18.05 19.25 -9.53
C THR C 68 17.82 17.95 -10.23
N GLY C 69 18.20 17.94 -11.50
CA GLY C 69 18.03 16.76 -12.32
C GLY C 69 19.32 16.50 -13.04
N SER C 70 19.68 15.22 -13.14
CA SER C 70 20.88 14.88 -13.88
C SER C 70 20.74 13.52 -14.51
N GLY C 71 21.78 13.12 -15.25
CA GLY C 71 21.88 11.80 -15.88
C GLY C 71 22.16 11.80 -17.38
N SER C 72 22.16 10.60 -17.97
CA SER C 72 22.38 10.42 -19.42
C SER C 72 22.03 9.00 -19.86
N GLY C 73 21.81 8.84 -21.17
CA GLY C 73 21.44 7.57 -21.80
C GLY C 73 20.15 6.96 -21.25
N THR C 74 20.32 6.02 -20.32
CA THR C 74 19.19 5.34 -19.70
C THR C 74 19.08 5.61 -18.20
N ASP C 75 20.01 6.35 -17.62
CA ASP C 75 20.05 6.55 -16.17
C ASP C 75 19.95 8.01 -15.77
N PHE C 76 18.96 8.29 -14.93
CA PHE C 76 18.63 9.64 -14.52
C PHE C 76 18.18 9.71 -13.07
N THR C 77 18.50 10.82 -12.41
CA THR C 77 18.06 11.04 -11.04
C THR C 77 17.55 12.45 -10.82
N LEU C 78 16.57 12.53 -9.93
CA LEU C 78 16.04 13.80 -9.47
C LEU C 78 16.51 13.92 -8.05
N LYS C 79 17.07 15.08 -7.70
CA LYS C 79 17.46 15.35 -6.32
C LYS C 79 16.76 16.56 -5.75
N ILE C 80 16.46 16.48 -4.48
CA ILE C 80 16.03 17.61 -3.70
C ILE C 80 17.00 17.79 -2.55
N SER C 81 17.67 18.93 -2.52
CA SER C 81 18.70 19.23 -1.51
C SER C 81 18.21 18.91 -0.11
N ARG C 82 17.09 19.54 0.21
CA ARG C 82 16.46 19.39 1.49
C ARG C 82 14.97 19.61 1.30
N VAL C 83 14.18 18.67 1.81
CA VAL C 83 12.77 18.63 1.52
C VAL C 83 12.00 19.57 2.42
N GLU C 84 11.00 20.23 1.85
CA GLU C 84 10.08 21.12 2.57
C GLU C 84 8.70 20.55 2.49
N ALA C 85 7.84 20.94 3.41
CA ALA C 85 6.47 20.45 3.42
C ALA C 85 5.74 20.58 2.06
N GLU C 86 6.09 21.59 1.28
CA GLU C 86 5.40 21.86 0.01
C GLU C 86 5.75 20.86 -1.08
N ASP C 87 6.84 20.11 -0.90
CA ASP C 87 7.34 19.17 -1.94
C ASP C 87 6.54 17.88 -2.04
N LEU C 88 5.67 17.69 -1.07
CA LEU C 88 4.60 16.68 -1.09
C LEU C 88 4.02 16.36 -2.47
N GLY C 89 3.88 15.08 -2.78
CA GLY C 89 3.11 14.67 -3.97
C GLY C 89 3.69 13.42 -4.61
N VAL C 90 3.34 13.21 -5.87
CA VAL C 90 3.84 12.07 -6.66
C VAL C 90 4.70 12.55 -7.82
N TYR C 91 5.86 11.90 -7.94
CA TYR C 91 6.91 12.34 -8.84
C TYR C 91 7.05 11.37 -10.00
N TYR C 92 6.69 11.84 -11.18
CA TYR C 92 6.84 11.03 -12.40
C TYR C 92 8.00 11.50 -13.26
N CYS C 93 8.76 10.53 -13.77
CA CYS C 93 9.67 10.80 -14.88
C CYS C 93 8.93 10.34 -16.13
N TRP C 94 9.11 11.09 -17.22
CA TRP C 94 8.55 10.70 -18.49
C TRP C 94 9.49 11.08 -19.64
N GLN C 95 9.33 10.35 -20.73
CA GLN C 95 10.21 10.47 -21.89
C GLN C 95 9.45 10.89 -23.13
N GLY C 96 10.05 11.83 -23.87
CA GLY C 96 9.53 12.29 -25.17
C GLY C 96 10.42 11.95 -26.39
N THR C 97 11.48 11.19 -26.16
CA THR C 97 12.40 10.84 -27.25
C THR C 97 11.78 9.90 -28.29
N HIS C 98 11.04 8.90 -27.81
CA HIS C 98 10.47 7.87 -28.64
C HIS C 98 8.97 7.87 -28.46
N SER C 99 8.24 7.91 -29.56
CA SER C 99 6.79 7.76 -29.55
C SER C 99 6.46 6.27 -29.43
N PRO C 100 5.42 5.92 -28.64
CA PRO C 100 4.62 6.81 -27.80
C PRO C 100 5.34 7.32 -26.55
N LEU C 101 4.93 8.47 -26.03
CA LEU C 101 5.44 8.93 -24.75
C LEU C 101 5.01 7.94 -23.69
N THR C 102 5.94 7.67 -22.78
CA THR C 102 5.66 6.82 -21.67
C THR C 102 6.13 7.47 -20.39
N PHE C 103 5.48 7.04 -19.31
CA PHE C 103 5.69 7.60 -17.99
C PHE C 103 6.16 6.51 -17.08
N GLY C 104 6.93 6.89 -16.08
CA GLY C 104 7.15 5.98 -14.95
C GLY C 104 5.86 5.85 -14.15
N ALA C 105 5.87 4.95 -13.20
CA ALA C 105 4.67 4.66 -12.38
C ALA C 105 4.35 5.74 -11.36
N GLY C 106 5.37 6.46 -10.93
CA GLY C 106 5.20 7.48 -9.91
C GLY C 106 5.89 7.11 -8.61
N THR C 107 6.58 8.07 -8.04
CA THR C 107 7.20 7.92 -6.74
C THR C 107 6.51 8.91 -5.81
N LYS C 108 5.90 8.39 -4.75
CA LYS C 108 5.15 9.24 -3.84
C LYS C 108 5.96 9.66 -2.60
N LEU C 109 5.99 10.95 -2.37
CA LEU C 109 6.78 11.57 -1.32
C LEU C 109 5.86 12.01 -0.22
N GLU C 110 6.26 11.71 1.00
CA GLU C 110 5.43 12.08 2.13
C GLU C 110 6.29 12.59 3.23
N LEU C 111 5.69 13.41 4.07
CA LEU C 111 6.38 14.06 5.15
C LEU C 111 6.13 13.42 6.51
N LYS C 112 7.22 13.12 7.18
CA LYS C 112 7.19 12.86 8.62
C LYS C 112 7.33 14.17 9.38
N ARG C 113 6.77 14.20 10.59
CA ARG C 113 6.74 15.40 11.44
C ARG C 113 6.30 15.01 12.84
N ALA C 114 6.39 15.97 13.76
CA ALA C 114 5.96 15.78 15.16
C ALA C 114 4.45 15.62 15.29
N ASP C 115 4.06 14.86 16.28
CA ASP C 115 2.66 14.64 16.59
C ASP C 115 1.93 15.96 16.81
N ALA C 116 0.69 15.98 16.36
CA ALA C 116 -0.24 17.09 16.63
C ALA C 116 -1.66 16.58 16.91
N ALA C 117 -2.37 17.20 17.86
CA ALA C 117 -3.74 16.78 18.25
C ALA C 117 -4.83 17.42 17.39
N PRO C 118 -5.94 16.67 17.16
CA PRO C 118 -7.06 17.19 16.41
C PRO C 118 -7.86 18.26 17.09
N THR C 119 -8.29 19.22 16.31
CA THR C 119 -9.33 20.14 16.73
C THR C 119 -10.65 19.58 16.27
N VAL C 120 -11.52 19.30 17.24
CA VAL C 120 -12.79 18.62 16.96
C VAL C 120 -13.94 19.56 17.05
N SER C 121 -14.88 19.39 16.16
CA SER C 121 -16.09 20.21 16.18
C SER C 121 -17.26 19.43 15.56
N ILE C 122 -18.46 19.70 16.07
CA ILE C 122 -19.64 18.91 15.70
C ILE C 122 -20.77 19.81 15.19
N PHE C 123 -21.56 19.29 14.26
CA PHE C 123 -22.58 20.08 13.60
C PHE C 123 -23.83 19.26 13.44
N PRO C 124 -24.96 19.81 13.87
CA PRO C 124 -26.21 19.09 13.73
C PRO C 124 -26.77 19.24 12.36
N PRO C 125 -27.86 18.52 12.07
CA PRO C 125 -28.57 18.63 10.82
C PRO C 125 -28.93 20.05 10.48
N SER C 126 -28.87 20.30 9.19
CA SER C 126 -29.35 21.52 8.60
C SER C 126 -30.89 21.57 8.70
N SER C 127 -31.45 22.75 8.91
CA SER C 127 -32.91 22.95 8.82
C SER C 127 -33.43 22.56 7.42
N GLU C 128 -32.72 23.01 6.39
CA GLU C 128 -33.08 22.70 4.98
C GLU C 128 -33.24 21.21 4.75
N GLN C 129 -32.29 20.46 5.31
CA GLN C 129 -32.18 19.02 5.07
C GLN C 129 -33.26 18.25 5.77
N LEU C 130 -33.61 18.73 6.96
CA LEU C 130 -34.69 18.10 7.75
C LEU C 130 -36.02 18.12 6.98
N THR C 131 -36.35 19.26 6.38
CA THR C 131 -37.51 19.38 5.47
C THR C 131 -37.61 18.23 4.48
N SER C 132 -36.48 17.89 3.88
CA SER C 132 -36.42 16.87 2.84
C SER C 132 -36.36 15.43 3.35
N GLY C 133 -36.50 15.24 4.66
CA GLY C 133 -36.65 13.89 5.26
C GLY C 133 -35.39 13.14 5.68
N GLY C 134 -34.24 13.81 5.59
CA GLY C 134 -32.95 13.22 5.98
C GLY C 134 -32.31 14.01 7.10
N ALA C 135 -31.31 13.40 7.75
CA ALA C 135 -30.59 14.05 8.86
C ALA C 135 -29.16 13.57 8.96
N SER C 136 -28.24 14.52 8.80
CA SER C 136 -26.82 14.22 8.86
C SER C 136 -26.14 15.05 9.93
N VAL C 137 -25.50 14.34 10.85
CA VAL C 137 -24.71 14.96 11.88
C VAL C 137 -23.26 14.84 11.48
N VAL C 138 -22.53 15.94 11.57
CA VAL C 138 -21.19 15.99 11.01
C VAL C 138 -20.16 16.27 12.08
N CYS C 139 -18.99 15.69 11.88
CA CYS C 139 -17.87 15.91 12.75
C CYS C 139 -16.56 16.07 12.01
N PHE C 140 -15.89 17.20 12.28
CA PHE C 140 -14.59 17.49 11.67
C PHE C 140 -13.49 17.31 12.71
N LEU C 141 -12.45 16.63 12.31
CA LEU C 141 -11.25 16.44 13.10
C LEU C 141 -10.07 17.00 12.29
N ASN C 142 -9.60 18.18 12.67
CA ASN C 142 -8.68 18.91 11.81
C ASN C 142 -7.24 19.06 12.30
N ASN C 143 -6.30 18.97 11.38
CA ASN C 143 -4.89 19.30 11.62
C ASN C 143 -4.19 18.46 12.67
N PHE C 144 -4.26 17.16 12.45
CA PHE C 144 -3.62 16.22 13.33
C PHE C 144 -2.50 15.41 12.68
N TYR C 145 -1.62 14.87 13.51
CA TYR C 145 -0.57 13.97 13.04
C TYR C 145 -0.21 13.02 14.15
N PRO C 146 -0.01 11.73 13.84
CA PRO C 146 -0.11 11.06 12.55
C PRO C 146 -1.55 10.72 12.14
N LYS C 147 -1.71 10.21 10.92
CA LYS C 147 -3.05 10.02 10.37
C LYS C 147 -3.82 8.94 11.09
N ASP C 148 -3.12 7.98 11.66
CA ASP C 148 -3.74 6.89 12.41
C ASP C 148 -4.71 7.48 13.45
N ILE C 149 -5.99 7.25 13.25
CA ILE C 149 -7.04 7.79 14.14
C ILE C 149 -8.35 7.02 13.95
N ASN C 150 -9.23 7.13 14.91
CA ASN C 150 -10.60 6.66 14.69
C ASN C 150 -11.62 7.45 15.53
N VAL C 151 -12.87 7.30 15.13
CA VAL C 151 -13.98 8.11 15.63
C VAL C 151 -15.07 7.18 16.07
N LYS C 152 -15.68 7.52 17.18
CA LYS C 152 -16.78 6.76 17.73
C LYS C 152 -17.93 7.74 17.93
N TRP C 153 -19.11 7.33 17.47
CA TRP C 153 -20.36 8.10 17.60
C TRP C 153 -21.22 7.49 18.70
N LYS C 154 -21.97 8.34 19.38
CA LYS C 154 -22.86 7.90 20.44
C LYS C 154 -24.15 8.68 20.42
N ILE C 155 -25.27 7.96 20.35
CA ILE C 155 -26.59 8.57 20.51
C ILE C 155 -27.16 8.21 21.88
N ASP C 156 -27.30 9.23 22.73
CA ASP C 156 -27.77 9.04 24.11
C ASP C 156 -26.93 7.98 24.85
N GLY C 157 -25.60 8.11 24.73
CA GLY C 157 -24.66 7.24 25.44
C GLY C 157 -24.44 5.89 24.80
N SER C 158 -25.30 5.50 23.88
CA SER C 158 -25.14 4.25 23.20
C SER C 158 -24.36 4.42 21.92
N GLU C 159 -23.40 3.54 21.69
CA GLU C 159 -22.59 3.59 20.48
C GLU C 159 -23.43 3.26 19.25
N ARG C 160 -23.06 3.86 18.13
CA ARG C 160 -23.76 3.69 16.87
C ARG C 160 -22.71 3.55 15.78
N GLN C 161 -22.84 2.50 14.97
CA GLN C 161 -21.88 2.22 13.88
C GLN C 161 -22.47 2.30 12.47
N ASN C 162 -23.73 1.93 12.34
CA ASN C 162 -24.43 2.01 11.06
C ASN C 162 -24.71 3.44 10.64
N GLY C 163 -24.57 3.70 9.35
CA GLY C 163 -24.84 5.03 8.78
C GLY C 163 -23.70 6.02 8.89
N VAL C 164 -22.52 5.52 9.26
CA VAL C 164 -21.32 6.35 9.45
C VAL C 164 -20.36 6.26 8.28
N LEU C 165 -20.02 7.43 7.75
CA LEU C 165 -19.12 7.53 6.64
C LEU C 165 -18.03 8.57 6.93
N ASN C 166 -16.78 8.13 6.75
CA ASN C 166 -15.58 8.93 7.02
C ASN C 166 -14.75 9.23 5.80
N SER C 167 -14.13 10.40 5.79
CA SER C 167 -13.29 10.83 4.69
C SER C 167 -12.07 11.54 5.25
N TRP C 168 -10.92 11.37 4.62
CA TRP C 168 -9.65 11.94 5.03
C TRP C 168 -9.08 12.80 3.95
N THR C 169 -8.48 13.91 4.34
CA THR C 169 -7.78 14.77 3.40
C THR C 169 -6.39 14.26 3.20
N ASP C 170 -5.83 14.64 2.07
CA ASP C 170 -4.46 14.34 1.78
C ASP C 170 -3.59 15.21 2.71
N GLN C 171 -2.37 14.77 2.94
CA GLN C 171 -1.44 15.55 3.75
C GLN C 171 -1.41 17.05 3.31
N ASP C 172 -1.40 17.95 4.29
CA ASP C 172 -1.46 19.38 4.04
C ASP C 172 -0.14 19.91 3.47
N SER C 173 -0.25 20.83 2.52
CA SER C 173 0.92 21.34 1.80
C SER C 173 1.77 22.34 2.55
N LYS C 174 1.25 22.91 3.64
CA LYS C 174 2.00 23.89 4.50
C LYS C 174 2.48 23.27 5.80
N ASP C 175 1.68 22.34 6.28
CA ASP C 175 1.61 21.89 7.67
C ASP C 175 2.02 20.43 7.89
N SER C 176 1.87 19.62 6.84
CA SER C 176 2.14 18.18 6.86
C SER C 176 1.19 17.37 7.73
N THR C 177 0.09 17.96 8.14
CA THR C 177 -0.93 17.27 8.95
C THR C 177 -2.03 16.68 8.09
N TYR C 178 -2.86 15.91 8.75
CA TYR C 178 -4.07 15.37 8.16
C TYR C 178 -5.32 15.88 8.90
N SER C 179 -6.43 15.81 8.18
CA SER C 179 -7.73 16.18 8.69
C SER C 179 -8.73 15.14 8.25
N MET C 180 -9.81 15.02 9.00
CA MET C 180 -10.77 13.95 8.78
C MET C 180 -12.19 14.41 8.95
N SER C 181 -13.08 13.87 8.11
CA SER C 181 -14.51 14.12 8.22
C SER C 181 -15.25 12.85 8.57
N SER C 182 -16.18 12.95 9.51
CA SER C 182 -17.07 11.83 9.84
C SER C 182 -18.49 12.30 9.82
N THR C 183 -19.33 11.56 9.13
CA THR C 183 -20.73 11.94 8.92
C THR C 183 -21.73 10.83 9.26
N LEU C 184 -22.58 11.10 10.23
CA LEU C 184 -23.61 10.15 10.62
C LEU C 184 -24.97 10.49 10.01
N THR C 185 -25.49 9.55 9.24
CA THR C 185 -26.74 9.78 8.53
C THR C 185 -27.87 8.93 9.09
N LEU C 186 -28.96 9.62 9.37
CA LEU C 186 -30.18 9.05 9.88
C LEU C 186 -31.35 9.54 9.09
N THR C 187 -32.50 8.90 9.34
CA THR C 187 -33.78 9.43 8.92
C THR C 187 -34.15 10.52 9.90
N LYS C 188 -35.03 11.40 9.49
CA LYS C 188 -35.51 12.47 10.37
C LYS C 188 -36.25 11.90 11.56
N ASP C 189 -36.97 10.80 11.34
CA ASP C 189 -37.73 10.20 12.42
C ASP C 189 -36.78 9.66 13.49
N GLU C 190 -35.76 8.91 13.07
CA GLU C 190 -34.72 8.42 14.01
C GLU C 190 -34.07 9.57 14.74
N TYR C 191 -33.71 10.61 14.00
CA TYR C 191 -32.96 11.71 14.58
C TYR C 191 -33.77 12.42 15.66
N GLU C 192 -35.05 12.56 15.38
CA GLU C 192 -35.92 13.29 16.29
C GLU C 192 -36.31 12.49 17.55
N ARG C 193 -36.12 11.17 17.51
CA ARG C 193 -36.40 10.28 18.66
C ARG C 193 -35.31 10.28 19.75
N HIS C 194 -34.25 11.05 19.58
CA HIS C 194 -33.16 11.08 20.56
C HIS C 194 -32.73 12.51 20.84
N ASN C 195 -31.98 12.71 21.92
CA ASN C 195 -31.56 14.06 22.40
C ASN C 195 -30.07 14.39 22.27
N SER C 196 -29.20 13.41 22.59
CA SER C 196 -27.75 13.63 22.77
C SER C 196 -26.92 12.96 21.69
N TYR C 197 -26.17 13.77 20.96
CA TYR C 197 -25.31 13.27 19.89
C TYR C 197 -23.83 13.58 20.15
N THR C 198 -23.04 12.52 20.22
CA THR C 198 -21.65 12.63 20.62
C THR C 198 -20.68 12.04 19.60
N CYS C 199 -19.67 12.83 19.33
CA CYS C 199 -18.64 12.49 18.40
C CYS C 199 -17.36 12.46 19.23
N GLU C 200 -16.59 11.38 19.14
CA GLU C 200 -15.40 11.28 19.97
C GLU C 200 -14.21 10.57 19.33
N ALA C 201 -13.03 11.18 19.48
CA ALA C 201 -11.82 10.78 18.75
C ALA C 201 -10.74 10.12 19.62
N THR C 202 -10.13 9.08 19.05
CA THR C 202 -9.06 8.34 19.68
C THR C 202 -7.78 8.54 18.86
N HIS C 203 -6.78 9.13 19.51
CA HIS C 203 -5.55 9.53 18.84
C HIS C 203 -4.46 9.47 19.87
N LYS C 204 -3.24 9.17 19.46
CA LYS C 204 -2.15 8.97 20.40
C LYS C 204 -1.67 10.23 21.10
N THR C 205 -2.17 11.39 20.72
CA THR C 205 -1.89 12.66 21.43
C THR C 205 -2.71 12.84 22.71
N SER C 206 -3.63 11.93 22.93
CA SER C 206 -4.39 11.97 24.17
C SER C 206 -4.62 10.57 24.69
N THR C 207 -4.67 10.51 26.02
CA THR C 207 -4.92 9.30 26.76
C THR C 207 -6.41 8.96 26.78
N SER C 208 -7.24 9.99 26.79
CA SER C 208 -8.69 9.84 26.80
C SER C 208 -9.27 10.35 25.48
N PRO C 209 -10.43 9.80 25.10
CA PRO C 209 -11.15 10.33 23.96
C PRO C 209 -11.37 11.84 24.06
N ILE C 210 -11.19 12.51 22.92
CA ILE C 210 -11.44 13.93 22.80
C ILE C 210 -12.85 14.00 22.27
N VAL C 211 -13.73 14.62 23.03
CA VAL C 211 -15.18 14.50 22.85
C VAL C 211 -15.83 15.84 22.50
N LYS C 212 -16.78 15.82 21.56
CA LYS C 212 -17.63 16.99 21.31
C LYS C 212 -19.08 16.53 21.15
N SER C 213 -20.04 17.35 21.57
CA SER C 213 -21.46 16.96 21.52
C SER C 213 -22.50 18.08 21.64
N PHE C 214 -23.76 17.69 21.44
CA PHE C 214 -24.89 18.61 21.47
C PHE C 214 -26.19 17.89 21.81
N ASN C 215 -27.20 18.67 22.20
CA ASN C 215 -28.57 18.19 22.46
C ASN C 215 -29.57 19.01 21.66
N ARG C 216 -30.76 18.48 21.41
CA ARG C 216 -31.81 19.21 20.68
C ARG C 216 -32.72 19.98 21.63
N GLN D 1 -1.48 35.22 -18.74
CA GLN D 1 -0.46 34.18 -19.12
C GLN D 1 -1.14 32.99 -19.83
N VAL D 2 -0.40 31.90 -20.01
CA VAL D 2 -0.89 30.70 -20.73
C VAL D 2 -2.02 30.02 -19.98
N GLN D 3 -3.06 29.60 -20.72
CA GLN D 3 -4.18 28.88 -20.11
C GLN D 3 -4.79 27.85 -21.07
N LEU D 4 -5.16 26.71 -20.51
CA LEU D 4 -5.74 25.62 -21.22
C LEU D 4 -7.09 25.23 -20.61
N LEU D 5 -8.15 25.79 -21.15
CA LEU D 5 -9.48 25.63 -20.57
C LEU D 5 -10.22 24.37 -21.00
N GLU D 6 -10.42 23.46 -20.07
CA GLU D 6 -11.22 22.29 -20.36
C GLU D 6 -12.53 22.34 -19.63
N SER D 7 -13.50 21.67 -20.19
CA SER D 7 -14.77 21.50 -19.53
C SER D 7 -14.62 20.60 -18.31
N GLY D 8 -15.39 20.88 -17.28
CA GLY D 8 -15.25 20.22 -15.99
C GLY D 8 -15.64 18.75 -16.00
N ALA D 9 -16.76 18.43 -16.61
CA ALA D 9 -17.21 17.04 -16.63
C ALA D 9 -18.13 16.70 -17.81
N GLU D 10 -18.28 15.40 -18.07
CA GLU D 10 -19.27 14.91 -19.02
C GLU D 10 -19.73 13.54 -18.59
N LEU D 11 -21.04 13.39 -18.49
CA LEU D 11 -21.67 12.11 -18.25
C LEU D 11 -22.15 11.63 -19.59
N VAL D 12 -21.95 10.33 -19.87
CA VAL D 12 -22.51 9.69 -21.07
C VAL D 12 -22.79 8.19 -20.84
N LYS D 13 -23.63 7.62 -21.68
CA LYS D 13 -24.04 6.22 -21.52
C LYS D 13 -23.12 5.31 -22.30
N PRO D 14 -23.04 4.05 -21.88
CA PRO D 14 -22.28 3.06 -22.64
C PRO D 14 -22.65 2.99 -24.13
N GLY D 15 -21.65 2.72 -24.98
CA GLY D 15 -21.84 2.68 -26.45
C GLY D 15 -21.82 4.04 -27.15
N ALA D 16 -22.16 5.09 -26.42
CA ALA D 16 -22.26 6.43 -27.00
C ALA D 16 -20.88 7.00 -27.28
N PRO D 17 -20.79 7.94 -28.23
CA PRO D 17 -19.60 8.73 -28.45
C PRO D 17 -19.60 9.98 -27.57
N VAL D 18 -18.43 10.60 -27.47
CA VAL D 18 -18.30 11.89 -26.81
C VAL D 18 -17.16 12.67 -27.41
N ARG D 19 -17.26 14.00 -27.37
CA ARG D 19 -16.19 14.85 -27.79
C ARG D 19 -15.76 15.83 -26.71
N LEU D 20 -14.52 15.67 -26.26
CA LEU D 20 -13.92 16.54 -25.26
C LEU D 20 -13.07 17.63 -25.88
N SER D 21 -13.13 18.83 -25.29
CA SER D 21 -12.43 20.00 -25.81
C SER D 21 -11.36 20.55 -24.86
N CYS D 22 -10.59 21.51 -25.37
CA CYS D 22 -9.48 22.10 -24.65
C CYS D 22 -9.15 23.45 -25.28
N LYS D 23 -9.78 24.50 -24.78
CA LYS D 23 -9.60 25.82 -25.36
C LYS D 23 -8.31 26.46 -24.86
N ALA D 24 -7.47 26.85 -25.81
CA ALA D 24 -6.17 27.42 -25.49
C ALA D 24 -6.19 28.92 -25.63
N SER D 25 -5.31 29.56 -24.88
CA SER D 25 -5.11 30.99 -24.98
C SER D 25 -3.78 31.37 -24.35
N GLY D 26 -3.34 32.58 -24.62
CA GLY D 26 -2.10 33.13 -24.04
C GLY D 26 -0.85 32.84 -24.84
N TYR D 27 -1.01 32.19 -25.97
CA TYR D 27 0.12 31.81 -26.78
C TYR D 27 -0.33 31.57 -28.20
N THR D 28 0.63 31.36 -29.08
CA THR D 28 0.30 31.03 -30.45
C THR D 28 -0.10 29.54 -30.53
N PHE D 29 -1.36 29.31 -30.80
CA PHE D 29 -1.94 27.99 -30.73
C PHE D 29 -1.20 26.96 -31.59
N THR D 30 -0.83 27.41 -32.77
CA THR D 30 -0.22 26.56 -33.81
C THR D 30 1.25 26.26 -33.60
N ASN D 31 1.89 26.89 -32.62
CA ASN D 31 3.34 26.66 -32.39
C ASN D 31 3.72 25.51 -31.46
N TYR D 32 2.71 24.89 -30.86
CA TYR D 32 2.94 23.89 -29.83
C TYR D 32 2.03 22.73 -30.08
N TRP D 33 2.62 21.54 -29.99
CA TRP D 33 1.86 20.30 -30.03
C TRP D 33 0.89 20.29 -28.85
N MET D 34 -0.26 19.68 -29.04
CA MET D 34 -1.20 19.46 -27.95
C MET D 34 -1.33 17.96 -27.67
N ASN D 35 -1.05 17.60 -26.41
CA ASN D 35 -1.09 16.21 -25.97
C ASN D 35 -2.39 15.92 -25.28
N TRP D 36 -2.73 14.65 -25.19
CA TRP D 36 -3.85 14.21 -24.38
C TRP D 36 -3.42 13.02 -23.56
N VAL D 37 -3.77 13.08 -22.28
CA VAL D 37 -3.34 12.09 -21.33
C VAL D 37 -4.53 11.69 -20.47
N LYS D 38 -4.53 10.42 -20.09
CA LYS D 38 -5.61 9.83 -19.36
C LYS D 38 -5.10 9.34 -18.04
N GLN D 39 -5.83 9.72 -17.00
CA GLN D 39 -5.57 9.27 -15.64
C GLN D 39 -6.83 8.72 -15.02
N ARG D 40 -6.76 7.49 -14.56
CA ARG D 40 -7.86 6.87 -13.84
C ARG D 40 -7.63 7.18 -12.37
N PRO D 41 -8.68 7.56 -11.64
CA PRO D 41 -8.56 7.84 -10.21
C PRO D 41 -7.69 6.87 -9.38
N GLY D 42 -6.74 7.45 -8.61
CA GLY D 42 -5.78 6.68 -7.78
C GLY D 42 -4.61 5.98 -8.49
N ARG D 43 -4.68 5.95 -9.82
CA ARG D 43 -3.76 5.25 -10.66
C ARG D 43 -2.94 6.29 -11.41
N GLY D 44 -2.20 5.87 -12.41
CA GLY D 44 -1.19 6.71 -13.01
C GLY D 44 -1.63 7.25 -14.35
N LEU D 45 -0.65 7.86 -15.01
CA LEU D 45 -0.86 8.56 -16.23
C LEU D 45 -0.61 7.70 -17.43
N GLU D 46 -1.47 7.83 -18.43
CA GLU D 46 -1.35 7.07 -19.68
C GLU D 46 -1.42 8.04 -20.83
N TRP D 47 -0.43 8.00 -21.73
CA TRP D 47 -0.39 8.90 -22.90
C TRP D 47 -1.27 8.39 -24.06
N ILE D 48 -2.10 9.27 -24.59
CA ILE D 48 -3.08 8.89 -25.59
C ILE D 48 -2.59 9.23 -26.98
N GLY D 49 -2.07 10.43 -27.12
CA GLY D 49 -1.60 10.91 -28.39
C GLY D 49 -1.35 12.40 -28.39
N ARG D 50 -1.00 12.92 -29.54
CA ARG D 50 -0.71 14.34 -29.68
C ARG D 50 -0.89 14.77 -31.10
N ILE D 51 -1.09 16.06 -31.27
CA ILE D 51 -1.45 16.59 -32.55
C ILE D 51 -0.72 17.93 -32.77
N ASP D 52 -0.21 18.12 -33.98
CA ASP D 52 0.38 19.39 -34.39
C ASP D 52 -0.78 20.23 -34.94
N PRO D 53 -1.13 21.35 -34.30
CA PRO D 53 -2.26 22.14 -34.82
C PRO D 53 -2.03 22.81 -36.19
N SER D 54 -0.78 23.10 -36.55
CA SER D 54 -0.51 23.80 -37.81
C SER D 54 -1.00 23.00 -39.03
N ASP D 55 -0.65 21.71 -39.07
CA ASP D 55 -0.97 20.82 -40.21
C ASP D 55 -1.74 19.55 -39.83
N SER D 56 -2.10 19.44 -38.55
CA SER D 56 -2.85 18.31 -38.01
C SER D 56 -2.15 16.94 -38.10
N GLU D 57 -0.81 16.95 -38.11
CA GLU D 57 -0.05 15.70 -38.01
C GLU D 57 -0.45 15.07 -36.68
N THR D 58 -0.82 13.80 -36.69
CA THR D 58 -1.29 13.14 -35.47
C THR D 58 -0.48 11.85 -35.15
N HIS D 59 -0.07 11.71 -33.90
CA HIS D 59 0.57 10.49 -33.41
C HIS D 59 -0.27 9.90 -32.29
N TYR D 60 -0.59 8.61 -32.37
CA TYR D 60 -1.44 7.97 -31.37
C TYR D 60 -0.69 6.87 -30.66
N ASN D 61 -1.01 6.69 -29.40
CA ASN D 61 -0.62 5.50 -28.69
C ASN D 61 -1.53 4.43 -29.28
N GLN D 62 -0.96 3.27 -29.61
CA GLN D 62 -1.71 2.27 -30.38
C GLN D 62 -2.73 1.52 -29.48
N ASN D 63 -2.61 1.66 -28.15
CA ASN D 63 -3.62 1.12 -27.22
C ASN D 63 -4.93 1.87 -27.30
N PHE D 64 -4.85 3.11 -27.78
CA PHE D 64 -6.02 3.94 -27.99
C PHE D 64 -6.51 3.97 -29.44
N LYS D 65 -6.09 2.99 -30.22
CA LYS D 65 -6.44 2.88 -31.64
C LYS D 65 -7.89 2.41 -31.84
N ASP D 66 -8.61 3.06 -32.77
CA ASP D 66 -10.05 2.85 -33.05
C ASP D 66 -10.91 3.47 -31.96
N LYS D 67 -10.30 3.71 -30.80
CA LYS D 67 -10.93 4.37 -29.67
C LYS D 67 -10.85 5.89 -29.70
N ALA D 68 -9.70 6.43 -30.10
CA ALA D 68 -9.47 7.89 -30.00
C ALA D 68 -8.97 8.61 -31.28
N THR D 69 -9.52 9.79 -31.51
CA THR D 69 -9.28 10.54 -32.72
C THR D 69 -9.04 11.96 -32.28
N LEU D 70 -8.03 12.61 -32.83
CA LEU D 70 -7.70 14.00 -32.48
C LEU D 70 -8.02 14.96 -33.62
N THR D 71 -8.46 16.16 -33.26
CA THR D 71 -8.66 17.24 -34.24
C THR D 71 -8.33 18.56 -33.57
N VAL D 72 -8.44 19.63 -34.34
CA VAL D 72 -8.40 21.00 -33.83
C VAL D 72 -9.30 21.91 -34.67
N ASP D 73 -9.58 23.12 -34.17
CA ASP D 73 -10.19 24.21 -34.94
C ASP D 73 -9.32 25.43 -34.74
N LYS D 74 -8.48 25.72 -35.73
CA LYS D 74 -7.58 26.88 -35.69
C LYS D 74 -8.35 28.16 -35.37
N SER D 75 -9.53 28.26 -35.96
CA SER D 75 -10.37 29.44 -35.82
C SER D 75 -10.56 29.83 -34.34
N SER D 76 -10.76 28.81 -33.51
CA SER D 76 -11.10 29.00 -32.11
C SER D 76 -9.99 28.59 -31.15
N SER D 77 -8.84 28.21 -31.68
CA SER D 77 -7.71 27.78 -30.88
C SER D 77 -8.09 26.65 -29.91
N THR D 78 -8.81 25.67 -30.41
CA THR D 78 -9.37 24.62 -29.56
C THR D 78 -8.90 23.27 -30.06
N ALA D 79 -8.58 22.38 -29.13
CA ALA D 79 -8.16 21.02 -29.47
C ALA D 79 -9.22 20.02 -28.99
N TYR D 80 -9.50 19.00 -29.80
CA TYR D 80 -10.54 18.01 -29.49
C TYR D 80 -10.04 16.60 -29.52
N ILE D 81 -10.69 15.77 -28.73
CA ILE D 81 -10.52 14.33 -28.78
C ILE D 81 -11.89 13.71 -28.83
N GLN D 82 -12.01 12.72 -29.71
CA GLN D 82 -13.28 12.12 -30.05
C GLN D 82 -13.13 10.64 -29.68
N LEU D 83 -14.01 10.21 -28.80
CA LEU D 83 -13.97 8.85 -28.28
C LEU D 83 -15.24 8.13 -28.67
N SER D 84 -15.07 6.96 -29.27
CA SER D 84 -16.19 6.18 -29.72
C SER D 84 -16.51 5.00 -28.78
N SER D 85 -17.77 4.56 -28.88
CA SER D 85 -18.28 3.37 -28.17
C SER D 85 -17.80 3.20 -26.73
N LEU D 86 -18.25 4.08 -25.85
CA LEU D 86 -17.67 4.13 -24.50
C LEU D 86 -18.00 2.94 -23.60
N THR D 87 -17.13 2.75 -22.62
CA THR D 87 -17.27 1.72 -21.59
C THR D 87 -16.78 2.32 -20.28
N SER D 88 -17.14 1.70 -19.17
CA SER D 88 -16.67 2.13 -17.86
C SER D 88 -15.13 2.12 -17.74
N GLU D 89 -14.47 1.34 -18.58
CA GLU D 89 -13.00 1.34 -18.66
C GLU D 89 -12.45 2.67 -19.20
N ASP D 90 -13.28 3.44 -19.91
CA ASP D 90 -12.91 4.78 -20.40
C ASP D 90 -13.17 5.90 -19.39
N SER D 91 -13.89 5.60 -18.32
CA SER D 91 -14.17 6.58 -17.27
C SER D 91 -12.88 7.03 -16.59
N ALA D 92 -12.59 8.32 -16.65
CA ALA D 92 -11.28 8.82 -16.23
C ALA D 92 -11.22 10.30 -16.32
N VAL D 93 -10.08 10.84 -15.88
CA VAL D 93 -9.80 12.24 -16.17
C VAL D 93 -8.98 12.31 -17.44
N TYR D 94 -9.32 13.27 -18.29
CA TYR D 94 -8.63 13.47 -19.54
C TYR D 94 -7.99 14.85 -19.55
N TYR D 95 -6.66 14.85 -19.56
CA TYR D 95 -5.90 16.11 -19.54
C TYR D 95 -5.40 16.43 -20.93
N CYS D 96 -5.55 17.68 -21.33
CA CYS D 96 -4.79 18.18 -22.49
C CYS D 96 -3.56 18.84 -21.92
N ALA D 97 -2.49 18.85 -22.69
CA ALA D 97 -1.24 19.43 -22.25
C ALA D 97 -0.34 19.87 -23.39
N ARG D 98 0.40 20.92 -23.12
CA ARG D 98 1.33 21.54 -24.04
C ARG D 98 2.62 21.68 -23.26
N SER D 99 3.72 21.81 -23.97
CA SER D 99 5.01 22.04 -23.40
C SER D 99 4.96 22.96 -22.17
N GLY D 100 5.22 22.42 -20.98
CA GLY D 100 5.25 23.25 -19.75
C GLY D 100 3.93 23.55 -19.03
N TYR D 101 2.77 23.19 -19.62
CA TYR D 101 1.45 23.60 -19.08
C TYR D 101 0.36 22.57 -19.28
N TRP D 102 -0.31 22.19 -18.20
CA TRP D 102 -1.34 21.16 -18.24
C TRP D 102 -2.70 21.79 -18.03
N GLY D 103 -3.72 21.22 -18.67
CA GLY D 103 -5.08 21.67 -18.43
C GLY D 103 -5.62 21.17 -17.09
N GLN D 104 -6.83 21.60 -16.74
CA GLN D 104 -7.45 21.22 -15.45
C GLN D 104 -8.08 19.82 -15.52
N GLY D 105 -8.35 19.36 -16.73
CA GLY D 105 -8.84 18.00 -16.96
C GLY D 105 -10.35 17.93 -17.00
N THR D 106 -10.88 17.03 -17.82
CA THR D 106 -12.34 16.78 -17.91
C THR D 106 -12.62 15.40 -17.31
N THR D 107 -13.48 15.34 -16.29
CA THR D 107 -13.83 14.06 -15.70
C THR D 107 -14.95 13.46 -16.54
N LEU D 108 -14.62 12.37 -17.22
CA LEU D 108 -15.58 11.66 -18.01
C LEU D 108 -16.15 10.49 -17.20
N THR D 109 -17.46 10.47 -17.04
CA THR D 109 -18.12 9.33 -16.43
C THR D 109 -18.99 8.67 -17.47
N VAL D 110 -18.87 7.34 -17.54
CA VAL D 110 -19.61 6.50 -18.48
C VAL D 110 -20.56 5.61 -17.71
N SER D 111 -21.85 5.94 -17.70
CA SER D 111 -22.83 5.28 -16.84
C SER D 111 -24.23 5.50 -17.38
N SER D 112 -25.13 4.58 -17.11
CA SER D 112 -26.49 4.70 -17.67
C SER D 112 -27.39 5.54 -16.78
N ALA D 113 -26.84 6.12 -15.73
CA ALA D 113 -27.63 6.85 -14.73
C ALA D 113 -27.86 8.32 -15.06
N LYS D 114 -28.87 8.86 -14.41
CA LYS D 114 -29.25 10.25 -14.55
C LYS D 114 -28.29 11.17 -13.78
N THR D 115 -28.09 12.35 -14.33
CA THR D 115 -27.40 13.39 -13.62
C THR D 115 -28.23 13.82 -12.43
N THR D 116 -27.59 13.92 -11.28
CA THR D 116 -28.27 14.27 -10.05
C THR D 116 -27.55 15.40 -9.38
N PRO D 117 -28.18 16.57 -9.34
CA PRO D 117 -27.55 17.70 -8.68
C PRO D 117 -27.45 17.52 -7.18
N PRO D 118 -26.49 18.20 -6.55
CA PRO D 118 -26.27 18.05 -5.14
C PRO D 118 -27.20 18.92 -4.38
N SER D 119 -27.46 18.55 -3.13
CA SER D 119 -28.14 19.42 -2.18
C SER D 119 -27.07 19.98 -1.29
N VAL D 120 -27.14 21.27 -0.98
CA VAL D 120 -26.10 21.93 -0.21
C VAL D 120 -26.64 22.40 1.14
N TYR D 121 -25.92 22.05 2.21
CA TYR D 121 -26.39 22.31 3.54
C TYR D 121 -25.29 23.00 4.36
N PRO D 122 -25.64 24.10 5.05
CA PRO D 122 -24.66 24.81 5.86
C PRO D 122 -24.43 24.08 7.17
N LEU D 123 -23.26 24.30 7.72
CA LEU D 123 -22.88 23.72 8.99
C LEU D 123 -22.34 24.85 9.84
N ALA D 124 -23.20 25.26 10.78
CA ALA D 124 -22.90 26.31 11.78
C ALA D 124 -22.86 25.70 13.18
N PRO D 125 -22.14 26.35 14.12
CA PRO D 125 -22.10 25.82 15.50
C PRO D 125 -23.36 26.07 16.30
N GLY D 126 -23.63 25.18 17.26
CA GLY D 126 -24.78 25.27 18.17
C GLY D 126 -24.56 25.92 19.53
N SER D 127 -23.32 25.93 20.03
CA SER D 127 -22.98 26.37 21.43
C SER D 127 -21.62 25.83 21.92
N SER D 133 -11.86 30.68 20.66
CA SER D 133 -10.70 31.42 20.12
C SER D 133 -10.60 31.39 18.58
N MET D 134 -11.10 30.33 17.94
CA MET D 134 -11.36 30.32 16.48
C MET D 134 -12.59 29.47 16.15
N VAL D 135 -13.25 29.77 15.05
CA VAL D 135 -14.49 29.05 14.69
C VAL D 135 -14.37 28.26 13.41
N THR D 136 -14.94 27.05 13.47
CA THR D 136 -15.04 26.17 12.32
C THR D 136 -16.47 26.17 11.80
N LEU D 137 -16.63 26.51 10.54
CA LEU D 137 -17.92 26.40 9.86
C LEU D 137 -17.74 25.42 8.74
N GLY D 138 -18.84 25.08 8.09
CA GLY D 138 -18.78 24.14 7.01
C GLY D 138 -19.96 24.03 6.10
N CYS D 139 -19.76 23.17 5.09
CA CYS D 139 -20.71 22.91 4.02
C CYS D 139 -20.82 21.46 3.72
N LEU D 140 -22.04 20.99 3.70
CA LEU D 140 -22.32 19.65 3.37
C LEU D 140 -22.91 19.60 1.99
N VAL D 141 -22.23 18.89 1.11
CA VAL D 141 -22.67 18.75 -0.27
C VAL D 141 -23.07 17.31 -0.49
N LYS D 142 -24.37 17.11 -0.61
CA LYS D 142 -24.94 15.79 -0.50
C LYS D 142 -25.78 15.33 -1.68
N GLY D 143 -25.59 14.07 -2.06
CA GLY D 143 -26.48 13.34 -2.96
C GLY D 143 -26.32 13.66 -4.43
N TYR D 144 -25.08 13.78 -4.89
CA TYR D 144 -24.81 14.18 -6.27
C TYR D 144 -24.25 13.06 -7.13
N PHE D 145 -24.32 13.27 -8.43
CA PHE D 145 -23.79 12.34 -9.44
C PHE D 145 -23.76 13.00 -10.82
N PRO D 146 -22.64 12.86 -11.55
CA PRO D 146 -21.40 12.22 -11.15
C PRO D 146 -20.42 13.20 -10.55
N GLU D 147 -19.25 12.70 -10.20
CA GLU D 147 -18.13 13.54 -9.83
C GLU D 147 -17.78 14.44 -11.01
N PRO D 148 -17.12 15.59 -10.76
CA PRO D 148 -16.74 16.16 -9.50
C PRO D 148 -17.66 17.30 -9.05
N VAL D 149 -17.41 17.80 -7.84
CA VAL D 149 -17.88 19.11 -7.38
C VAL D 149 -16.67 19.89 -6.91
N THR D 150 -16.82 21.20 -6.94
CA THR D 150 -15.77 22.06 -6.51
C THR D 150 -16.37 22.96 -5.46
N VAL D 151 -15.60 23.20 -4.41
CA VAL D 151 -16.04 24.10 -3.36
C VAL D 151 -15.03 25.22 -3.12
N THR D 152 -15.54 26.45 -3.01
CA THR D 152 -14.71 27.58 -2.56
C THR D 152 -15.42 28.33 -1.45
N TRP D 153 -14.70 29.24 -0.81
CA TRP D 153 -15.27 30.06 0.25
C TRP D 153 -15.02 31.53 -0.03
N ASN D 154 -16.11 32.29 -0.03
CA ASN D 154 -16.12 33.72 -0.37
C ASN D 154 -15.40 33.94 -1.67
N SER D 155 -15.89 33.18 -2.65
CA SER D 155 -15.40 33.18 -4.02
C SER D 155 -13.88 33.18 -4.15
N GLY D 156 -13.21 32.51 -3.20
CA GLY D 156 -11.77 32.29 -3.29
C GLY D 156 -10.93 33.17 -2.40
N SER D 157 -11.56 34.14 -1.76
CA SER D 157 -10.87 35.05 -0.81
C SER D 157 -10.46 34.30 0.44
N LEU D 158 -11.35 33.42 0.91
CA LEU D 158 -11.06 32.51 2.03
C LEU D 158 -10.50 31.17 1.55
N SER D 159 -9.18 31.03 1.65
CA SER D 159 -8.50 29.79 1.20
C SER D 159 -7.50 29.19 2.19
N SER D 160 -7.04 29.99 3.15
CA SER D 160 -6.15 29.53 4.21
C SER D 160 -7.01 28.92 5.36
N GLY D 161 -6.61 27.78 5.89
CA GLY D 161 -7.42 27.09 6.94
C GLY D 161 -8.70 26.37 6.44
N VAL D 162 -8.72 26.07 5.15
CA VAL D 162 -9.81 25.35 4.50
C VAL D 162 -9.44 23.89 4.30
N HIS D 163 -10.43 23.02 4.53
CA HIS D 163 -10.29 21.57 4.33
C HIS D 163 -11.49 21.09 3.53
N THR D 164 -11.22 20.63 2.30
CA THR D 164 -12.25 20.00 1.48
C THR D 164 -11.93 18.52 1.27
N PHE D 165 -12.91 17.69 1.58
CA PHE D 165 -12.70 16.29 1.78
C PHE D 165 -13.10 15.52 0.55
N PRO D 166 -12.42 14.40 0.33
CA PRO D 166 -12.83 13.60 -0.80
C PRO D 166 -14.23 13.07 -0.64
N ALA D 167 -14.85 12.84 -1.77
CA ALA D 167 -16.22 12.39 -1.76
C ALA D 167 -16.27 10.91 -1.43
N VAL D 168 -17.37 10.54 -0.81
CA VAL D 168 -17.67 9.15 -0.52
C VAL D 168 -18.84 8.79 -1.40
N LEU D 169 -18.91 7.54 -1.82
CA LEU D 169 -20.02 7.03 -2.63
C LEU D 169 -20.84 6.05 -1.82
N GLN D 170 -22.11 6.37 -1.61
CA GLN D 170 -23.02 5.48 -0.90
C GLN D 170 -24.29 5.29 -1.73
N SER D 171 -24.57 4.05 -2.06
CA SER D 171 -25.82 3.70 -2.71
C SER D 171 -25.96 4.52 -4.00
N ASP D 172 -24.88 4.56 -4.77
CA ASP D 172 -24.83 5.22 -6.10
C ASP D 172 -24.91 6.76 -6.14
N LEU D 173 -24.80 7.40 -4.98
CA LEU D 173 -24.68 8.88 -4.94
C LEU D 173 -23.45 9.32 -4.15
N TYR D 174 -22.95 10.49 -4.49
CA TYR D 174 -21.74 11.04 -3.88
C TYR D 174 -22.05 12.08 -2.80
N THR D 175 -21.26 12.05 -1.75
CA THR D 175 -21.36 13.03 -0.67
C THR D 175 -19.98 13.48 -0.27
N LEU D 176 -19.91 14.74 0.12
CA LEU D 176 -18.65 15.39 0.42
C LEU D 176 -18.95 16.58 1.32
N SER D 177 -17.92 17.11 1.95
CA SER D 177 -18.09 18.29 2.76
C SER D 177 -16.83 19.12 2.81
N SER D 178 -16.97 20.36 3.25
CA SER D 178 -15.82 21.25 3.43
C SER D 178 -15.90 22.07 4.70
N SER D 179 -14.77 22.19 5.39
CA SER D 179 -14.70 23.01 6.59
C SER D 179 -13.82 24.23 6.39
N VAL D 180 -14.24 25.33 7.00
CA VAL D 180 -13.40 26.53 7.03
C VAL D 180 -13.29 27.03 8.46
N THR D 181 -12.06 27.30 8.86
CA THR D 181 -11.78 27.78 10.19
C THR D 181 -11.31 29.22 10.13
N VAL D 182 -11.95 30.08 10.92
CA VAL D 182 -11.69 31.53 10.89
C VAL D 182 -11.79 32.14 12.28
N PRO D 183 -11.10 33.27 12.51
CA PRO D 183 -11.21 33.90 13.83
C PRO D 183 -12.65 34.23 14.27
N SER D 184 -12.90 34.07 15.56
CA SER D 184 -14.20 34.35 16.20
C SER D 184 -14.61 35.82 15.97
N SER D 185 -13.58 36.67 16.00
CA SER D 185 -13.69 38.07 15.60
C SER D 185 -14.51 38.28 14.32
N THR D 186 -14.16 37.52 13.30
CA THR D 186 -14.59 37.78 11.94
C THR D 186 -15.90 37.13 11.51
N TRP D 187 -16.59 36.44 12.42
CA TRP D 187 -17.88 35.86 12.09
C TRP D 187 -18.82 35.85 13.30
N PRO D 188 -20.12 36.23 13.10
CA PRO D 188 -20.58 36.76 11.80
C PRO D 188 -20.47 38.29 11.68
N SER D 189 -19.51 38.87 12.40
CA SER D 189 -19.05 40.24 12.13
C SER D 189 -18.82 40.41 10.63
N GLU D 190 -18.47 39.29 9.97
CA GLU D 190 -18.13 39.29 8.58
C GLU D 190 -18.73 38.06 7.93
N THR D 191 -19.68 38.29 7.04
CA THR D 191 -20.25 37.28 6.17
C THR D 191 -19.26 36.13 5.82
N VAL D 192 -19.79 34.92 5.69
CA VAL D 192 -19.04 33.75 5.17
C VAL D 192 -19.94 32.87 4.32
N THR D 193 -19.49 32.59 3.11
CA THR D 193 -20.30 31.88 2.14
C THR D 193 -19.53 30.77 1.42
N CYS D 194 -20.19 29.62 1.31
CA CYS D 194 -19.59 28.55 0.52
C CYS D 194 -20.16 28.48 -0.92
N ASN D 195 -19.27 28.14 -1.84
CA ASN D 195 -19.51 28.22 -3.28
C ASN D 195 -19.29 26.86 -3.91
N VAL D 196 -20.33 26.28 -4.47
CA VAL D 196 -20.29 24.89 -4.89
C VAL D 196 -20.64 24.73 -6.35
N ALA D 197 -19.75 24.11 -7.12
CA ALA D 197 -19.99 23.88 -8.54
C ALA D 197 -20.17 22.41 -8.77
N HIS D 198 -21.14 22.06 -9.58
CA HIS D 198 -21.33 20.69 -10.05
C HIS D 198 -21.48 20.83 -11.53
N PRO D 199 -20.34 20.88 -12.23
CA PRO D 199 -20.39 21.15 -13.65
C PRO D 199 -21.24 20.17 -14.49
N ALA D 200 -21.32 18.90 -14.12
CA ALA D 200 -22.07 17.92 -14.93
C ALA D 200 -23.56 18.27 -15.07
N SER D 201 -24.11 18.88 -14.04
CA SER D 201 -25.52 19.37 -14.04
C SER D 201 -25.59 20.88 -14.22
N SER D 202 -24.44 21.50 -14.42
CA SER D 202 -24.35 22.95 -14.59
C SER D 202 -24.97 23.67 -13.39
N THR D 203 -24.70 23.15 -12.22
CA THR D 203 -25.19 23.71 -10.99
C THR D 203 -24.14 24.62 -10.38
N LYS D 204 -24.55 25.83 -10.01
CA LYS D 204 -23.78 26.67 -9.09
C LYS D 204 -24.69 27.08 -7.95
N VAL D 205 -24.21 26.93 -6.72
CA VAL D 205 -25.00 27.16 -5.51
C VAL D 205 -24.12 27.87 -4.50
N ASP D 206 -24.69 28.90 -3.89
CA ASP D 206 -24.05 29.65 -2.81
C ASP D 206 -24.87 29.50 -1.52
N LYS D 207 -24.18 29.26 -0.40
CA LYS D 207 -24.83 29.09 0.88
C LYS D 207 -24.18 30.02 1.88
N LYS D 208 -24.96 30.96 2.41
CA LYS D 208 -24.44 31.84 3.45
C LYS D 208 -24.52 31.06 4.74
N ILE D 209 -23.46 31.08 5.53
CA ILE D 209 -23.48 30.38 6.81
C ILE D 209 -24.19 31.29 7.84
N VAL D 210 -25.46 30.94 8.05
CA VAL D 210 -26.40 31.57 8.97
C VAL D 210 -26.07 31.05 10.37
N PRO D 211 -25.76 31.96 11.32
CA PRO D 211 -25.68 31.53 12.72
C PRO D 211 -27.03 31.05 13.16
N ARG D 212 -27.08 30.23 14.19
CA ARG D 212 -28.37 29.67 14.56
C ARG D 212 -28.77 29.97 16.00
#